data_8IAW
#
_entry.id   8IAW
#
_cell.length_a   96.057
_cell.length_b   110.372
_cell.length_c   130.931
_cell.angle_alpha   90.00
_cell.angle_beta   90.00
_cell.angle_gamma   90.00
#
_symmetry.space_group_name_H-M   'P 21 21 2'
#
loop_
_entity.id
_entity.type
_entity.pdbx_description
1 polymer 'Pyruvate kinase'
2 non-polymer 'MAGNESIUM ION'
3 non-polymer PHOSPHOENOLPYRUVATE
4 non-polymer 'SULFATE ION'
5 water water
#
_entity_poly.entity_id   1
_entity_poly.type   'polypeptide(L)'
_entity_poly.pdbx_seq_one_letter_code
;MGSSHHHHHHSSGLVPRGSHMNKRVKIVATLGPAVEIRGGKKFGEDGYWGEKLDVEASAKNIAKLIEAGANTFRFNFSHG
DHQEQGERMATVKLAEKIAGKKVGFLLDTKGPEIRTELFEGEAKEYSYKTGEKIRVATKQGIKSTREVIALNVAGALDIY
DDVEVGRQVLVDDGKLGLRVVAKDDATREFEVEVENDGIIAKQKGVNIPNTKIPFPALAERDNDDIRFGLEQGINFIAIS
FVRTAKDVNEVRAICEETGNGHVQLFAKIENQQGIDNLDEIIEAADGIMIARGDMGIEVPFEMVPVYQKMIIKKVNAAGK
VVITATNMLETMTEKPRATRSEVSDVFNAVIDGTDATMLSGESANGKYPLESVTTMATIDKNAQALLNEYGRLDSDSFER
NSKTEVMASAVKDATSSMDIKLVVTLTKTGHTARLISKYRPNADILALTFDELTERGLMLNWGVIPMLTDAPSSTDDMFE
IAERKAVEAGLVESGDDIVIVAGVPVGEAVRTNTMRIRTVR
;
_entity_poly.pdbx_strand_id   A,B
#
loop_
_chem_comp.id
_chem_comp.type
_chem_comp.name
_chem_comp.formula
MG non-polymer 'MAGNESIUM ION' 'Mg 2'
PEP non-polymer PHOSPHOENOLPYRUVATE 'C3 H5 O6 P'
SO4 non-polymer 'SULFATE ION' 'O4 S -2'
#
# COMPACT_ATOMS: atom_id res chain seq x y z
N MET A 21 -13.39 -20.42 -9.20
CA MET A 21 -13.01 -21.86 -9.31
C MET A 21 -12.56 -22.37 -7.93
N ASN A 22 -12.05 -21.48 -7.06
CA ASN A 22 -11.82 -21.79 -5.63
C ASN A 22 -12.87 -21.07 -4.77
N LYS A 23 -13.68 -21.85 -4.06
CA LYS A 23 -14.80 -21.33 -3.25
C LYS A 23 -14.16 -20.63 -2.06
N ARG A 24 -14.27 -19.30 -2.02
CA ARG A 24 -13.66 -18.49 -0.94
C ARG A 24 -14.52 -18.58 0.32
N VAL A 25 -15.83 -18.68 0.18
CA VAL A 25 -16.72 -18.66 1.37
C VAL A 25 -16.76 -20.09 1.93
N LYS A 26 -16.57 -20.25 3.25
CA LYS A 26 -16.46 -21.58 3.89
C LYS A 26 -17.87 -22.12 4.10
N ILE A 27 -18.02 -23.45 4.18
CA ILE A 27 -19.33 -24.13 4.42
C ILE A 27 -19.19 -24.98 5.68
N VAL A 28 -20.09 -24.75 6.65
CA VAL A 28 -20.33 -25.61 7.83
C VAL A 28 -21.57 -26.47 7.56
N ALA A 29 -21.39 -27.79 7.56
CA ALA A 29 -22.43 -28.81 7.30
C ALA A 29 -22.68 -29.58 8.61
N THR A 30 -23.94 -29.58 9.09
CA THR A 30 -24.37 -30.37 10.27
C THR A 30 -24.43 -31.85 9.88
N LEU A 31 -23.79 -32.71 10.64
CA LEU A 31 -23.78 -34.16 10.33
C LEU A 31 -24.89 -34.84 11.12
N GLY A 32 -25.33 -35.99 10.63
CA GLY A 32 -26.46 -36.75 11.20
C GLY A 32 -26.70 -38.05 10.43
N PRO A 33 -27.78 -38.76 10.78
CA PRO A 33 -28.19 -39.98 10.08
C PRO A 33 -28.35 -39.95 8.53
N ALA A 34 -28.65 -38.79 7.94
CA ALA A 34 -28.99 -38.68 6.49
C ALA A 34 -27.86 -39.30 5.65
N VAL A 35 -26.63 -39.30 6.15
CA VAL A 35 -25.45 -39.86 5.44
C VAL A 35 -25.13 -41.25 6.00
N GLU A 36 -25.56 -41.55 7.23
CA GLU A 36 -25.19 -42.80 7.94
C GLU A 36 -26.00 -43.98 7.37
N ILE A 37 -25.30 -45.05 7.02
CA ILE A 37 -25.84 -46.33 6.50
C ILE A 37 -25.92 -47.33 7.66
N ARG A 38 -27.01 -48.10 7.75
CA ARG A 38 -27.20 -49.13 8.80
C ARG A 38 -27.69 -50.43 8.16
N GLY A 39 -26.88 -51.50 8.24
CA GLY A 39 -27.12 -52.80 7.59
C GLY A 39 -27.47 -52.65 6.12
N GLY A 40 -26.74 -51.78 5.41
CA GLY A 40 -27.02 -51.39 4.02
C GLY A 40 -28.28 -50.54 3.86
N LYS A 41 -28.94 -50.14 4.95
CA LYS A 41 -30.24 -49.41 4.89
C LYS A 41 -30.06 -47.91 5.13
N LYS A 42 -30.49 -47.09 4.16
CA LYS A 42 -30.55 -45.61 4.25
C LYS A 42 -31.49 -45.19 5.38
N PHE A 43 -31.30 -43.99 5.95
CA PHE A 43 -32.23 -43.35 6.92
C PHE A 43 -33.62 -43.23 6.27
N GLY A 44 -34.67 -43.66 6.99
CA GLY A 44 -36.06 -43.64 6.50
C GLY A 44 -36.63 -45.03 6.23
N GLU A 45 -35.85 -45.89 5.54
CA GLU A 45 -36.19 -47.32 5.25
C GLU A 45 -36.50 -48.05 6.57
N ASP A 46 -37.14 -49.23 6.49
CA ASP A 46 -37.80 -49.94 7.64
C ASP A 46 -36.77 -50.34 8.71
N GLY A 47 -37.06 -50.09 9.99
CA GLY A 47 -36.27 -50.54 11.16
C GLY A 47 -34.79 -50.22 11.01
N TYR A 48 -34.51 -49.02 10.51
CA TYR A 48 -33.14 -48.49 10.24
C TYR A 48 -32.38 -48.45 11.57
N TRP A 49 -33.02 -47.87 12.59
CA TRP A 49 -32.43 -47.56 13.92
C TRP A 49 -31.95 -48.86 14.56
N GLY A 50 -32.67 -49.98 14.32
CA GLY A 50 -32.27 -51.31 14.82
C GLY A 50 -30.85 -51.70 14.42
N GLU A 51 -30.52 -51.55 13.13
CA GLU A 51 -29.26 -52.07 12.51
C GLU A 51 -28.08 -51.20 12.97
N LYS A 52 -26.85 -51.72 12.84
CA LYS A 52 -25.59 -51.04 13.28
C LYS A 52 -25.05 -50.17 12.13
N LEU A 53 -24.16 -49.23 12.46
CA LEU A 53 -23.54 -48.30 11.48
C LEU A 53 -22.54 -49.11 10.65
N ASP A 54 -22.76 -49.20 9.33
CA ASP A 54 -21.74 -49.63 8.35
C ASP A 54 -20.85 -48.43 8.10
N VAL A 55 -19.79 -48.32 8.91
CA VAL A 55 -18.89 -47.12 9.00
C VAL A 55 -18.32 -46.84 7.60
N GLU A 56 -17.75 -47.85 6.94
CA GLU A 56 -16.95 -47.70 5.70
C GLU A 56 -17.84 -47.03 4.62
N ALA A 57 -19.08 -47.50 4.44
CA ALA A 57 -19.99 -47.01 3.39
C ALA A 57 -20.51 -45.60 3.75
N SER A 58 -20.71 -45.31 5.05
CA SER A 58 -21.10 -43.98 5.58
C SER A 58 -20.02 -42.93 5.29
N ALA A 59 -18.77 -43.27 5.61
CA ALA A 59 -17.57 -42.42 5.41
C ALA A 59 -17.47 -42.03 3.93
N LYS A 60 -17.81 -42.94 3.01
CA LYS A 60 -17.89 -42.71 1.53
C LYS A 60 -18.89 -41.58 1.25
N ASN A 61 -20.02 -41.57 1.95
CA ASN A 61 -21.09 -40.55 1.78
C ASN A 61 -20.61 -39.20 2.34
N ILE A 62 -19.91 -39.20 3.49
CA ILE A 62 -19.33 -37.97 4.11
C ILE A 62 -18.20 -37.47 3.19
N ALA A 63 -17.44 -38.39 2.60
CA ALA A 63 -16.35 -38.07 1.66
C ALA A 63 -16.91 -37.24 0.51
N LYS A 64 -18.10 -37.57 -0.01
CA LYS A 64 -18.63 -36.87 -1.21
C LYS A 64 -19.10 -35.46 -0.82
N LEU A 65 -19.53 -35.23 0.43
CA LEU A 65 -19.87 -33.88 0.98
C LEU A 65 -18.63 -32.97 0.95
N ILE A 66 -17.52 -33.46 1.52
CA ILE A 66 -16.20 -32.76 1.54
C ILE A 66 -15.83 -32.42 0.11
N GLU A 67 -15.90 -33.40 -0.81
CA GLU A 67 -15.51 -33.25 -2.24
C GLU A 67 -16.42 -32.19 -2.86
N ALA A 68 -17.67 -32.04 -2.39
CA ALA A 68 -18.66 -31.07 -2.92
C ALA A 68 -18.62 -29.72 -2.18
N GLY A 69 -17.67 -29.53 -1.27
CA GLY A 69 -17.26 -28.20 -0.75
C GLY A 69 -17.57 -27.94 0.73
N ALA A 70 -17.92 -28.96 1.52
CA ALA A 70 -18.03 -28.84 2.98
C ALA A 70 -16.65 -28.56 3.57
N ASN A 71 -16.51 -27.63 4.52
CA ASN A 71 -15.18 -27.29 5.08
C ASN A 71 -15.06 -27.65 6.56
N THR A 72 -16.20 -27.87 7.20
CA THR A 72 -16.27 -28.15 8.66
C THR A 72 -17.55 -28.95 8.91
N PHE A 73 -17.55 -29.86 9.88
CA PHE A 73 -18.75 -30.64 10.27
C PHE A 73 -19.21 -30.16 11.64
N ARG A 74 -20.52 -30.07 11.84
CA ARG A 74 -21.13 -29.62 13.11
C ARG A 74 -21.78 -30.82 13.79
N PHE A 75 -21.39 -31.10 15.02
CA PHE A 75 -21.96 -32.16 15.90
C PHE A 75 -22.90 -31.46 16.89
N ASN A 76 -24.21 -31.46 16.62
CA ASN A 76 -25.20 -30.74 17.45
C ASN A 76 -25.53 -31.62 18.66
N PHE A 77 -25.09 -31.22 19.86
CA PHE A 77 -25.17 -32.04 21.10
C PHE A 77 -26.54 -31.88 21.77
N SER A 78 -27.46 -31.15 21.14
CA SER A 78 -28.91 -31.09 21.51
C SER A 78 -29.53 -32.49 21.34
N HIS A 79 -29.18 -33.21 20.28
CA HIS A 79 -29.70 -34.56 19.94
C HIS A 79 -28.54 -35.54 19.78
N GLY A 80 -28.64 -36.71 20.39
CA GLY A 80 -27.60 -37.75 20.32
C GLY A 80 -26.77 -37.81 21.59
N ASP A 81 -26.57 -39.01 22.13
CA ASP A 81 -25.73 -39.29 23.32
C ASP A 81 -24.26 -39.33 22.86
N HIS A 82 -23.34 -39.45 23.82
CA HIS A 82 -21.88 -39.33 23.61
C HIS A 82 -21.42 -40.45 22.67
N GLN A 83 -21.92 -41.68 22.87
CA GLN A 83 -21.60 -42.85 22.01
C GLN A 83 -21.87 -42.48 20.53
N GLU A 84 -23.05 -41.90 20.27
CA GLU A 84 -23.59 -41.55 18.92
C GLU A 84 -22.69 -40.49 18.28
N GLN A 85 -22.33 -39.44 19.03
CA GLN A 85 -21.51 -38.29 18.56
C GLN A 85 -20.08 -38.74 18.30
N GLY A 86 -19.48 -39.46 19.25
CA GLY A 86 -18.10 -39.96 19.20
C GLY A 86 -17.86 -40.89 18.01
N GLU A 87 -18.85 -41.75 17.72
CA GLU A 87 -18.82 -42.67 16.55
C GLU A 87 -18.78 -41.80 15.28
N ARG A 88 -19.67 -40.81 15.20
CA ARG A 88 -19.79 -39.92 14.02
C ARG A 88 -18.44 -39.27 13.74
N MET A 89 -17.75 -38.79 14.77
CA MET A 89 -16.44 -38.09 14.66
C MET A 89 -15.40 -39.05 14.10
N ALA A 90 -15.47 -40.32 14.52
CA ALA A 90 -14.57 -41.39 14.05
C ALA A 90 -14.77 -41.59 12.54
N THR A 91 -16.03 -41.54 12.07
CA THR A 91 -16.41 -41.76 10.64
C THR A 91 -15.83 -40.63 9.77
N VAL A 92 -16.02 -39.38 10.20
CA VAL A 92 -15.42 -38.19 9.56
C VAL A 92 -13.90 -38.35 9.49
N LYS A 93 -13.25 -38.77 10.58
CA LYS A 93 -11.79 -38.98 10.57
C LYS A 93 -11.42 -39.89 9.38
N LEU A 94 -12.19 -40.97 9.17
CA LEU A 94 -11.92 -41.93 8.07
C LEU A 94 -12.38 -41.32 6.74
N ALA A 95 -13.45 -40.53 6.76
CA ALA A 95 -13.98 -39.85 5.55
C ALA A 95 -12.90 -38.93 4.98
N GLU A 96 -12.11 -38.23 5.79
CA GLU A 96 -11.07 -37.30 5.25
C GLU A 96 -10.01 -38.10 4.48
N LYS A 97 -9.66 -39.28 5.01
CA LYS A 97 -8.67 -40.21 4.40
C LYS A 97 -9.17 -40.68 3.02
N ILE A 98 -10.48 -40.89 2.84
CA ILE A 98 -11.06 -41.30 1.52
C ILE A 98 -10.94 -40.13 0.54
N ALA A 99 -11.35 -38.93 0.97
CA ALA A 99 -11.32 -37.66 0.21
C ALA A 99 -9.89 -37.18 -0.01
N GLY A 100 -8.99 -37.47 0.93
CA GLY A 100 -7.59 -37.01 0.95
C GLY A 100 -7.53 -35.50 1.13
N LYS A 101 -8.48 -34.99 1.89
CA LYS A 101 -8.65 -33.55 2.21
C LYS A 101 -9.14 -33.50 3.65
N LYS A 102 -8.68 -32.54 4.45
CA LYS A 102 -9.01 -32.43 5.89
C LYS A 102 -10.12 -31.38 6.05
N VAL A 103 -10.80 -31.40 7.20
CA VAL A 103 -11.86 -30.43 7.56
C VAL A 103 -11.83 -30.20 9.07
N GLY A 104 -12.48 -29.13 9.50
CA GLY A 104 -12.60 -28.76 10.92
C GLY A 104 -13.75 -29.49 11.56
N PHE A 105 -13.65 -29.67 12.87
CA PHE A 105 -14.63 -30.37 13.74
C PHE A 105 -15.26 -29.32 14.65
N LEU A 106 -16.56 -29.05 14.52
CA LEU A 106 -17.26 -28.05 15.36
C LEU A 106 -18.28 -28.76 16.26
N LEU A 107 -18.22 -28.52 17.56
CA LEU A 107 -19.21 -29.01 18.56
C LEU A 107 -20.19 -27.89 18.89
N ASP A 108 -21.48 -28.20 18.92
CA ASP A 108 -22.54 -27.21 19.22
C ASP A 108 -23.19 -27.65 20.53
N THR A 109 -23.22 -26.78 21.55
CA THR A 109 -23.74 -27.12 22.90
C THR A 109 -25.27 -27.10 22.89
N LYS A 110 -25.92 -27.91 23.73
CA LYS A 110 -27.41 -27.92 23.87
C LYS A 110 -27.81 -26.58 24.50
N GLY A 111 -27.16 -26.23 25.61
CA GLY A 111 -27.35 -24.96 26.34
C GLY A 111 -28.69 -24.94 27.06
N PRO A 112 -29.14 -23.76 27.54
CA PRO A 112 -30.39 -23.65 28.31
C PRO A 112 -31.67 -23.77 27.45
N GLU A 113 -31.81 -24.90 26.75
CA GLU A 113 -33.01 -25.27 25.95
C GLU A 113 -34.21 -25.50 26.89
N ILE A 114 -35.41 -25.10 26.44
CA ILE A 114 -36.71 -25.55 26.99
C ILE A 114 -37.44 -26.33 25.90
N ARG A 115 -37.96 -27.51 26.22
CA ARG A 115 -38.72 -28.36 25.27
C ARG A 115 -40.09 -28.69 25.88
N THR A 116 -41.06 -29.06 25.05
CA THR A 116 -42.36 -29.60 25.54
C THR A 116 -42.09 -31.03 25.97
N GLU A 117 -42.71 -31.44 27.09
CA GLU A 117 -42.55 -32.80 27.66
C GLU A 117 -43.26 -33.80 26.73
N LEU A 118 -43.01 -35.09 26.93
CA LEU A 118 -43.75 -36.22 26.30
C LEU A 118 -45.23 -36.16 26.71
N PHE A 119 -46.11 -36.72 25.86
CA PHE A 119 -47.59 -36.79 26.06
C PHE A 119 -47.98 -38.15 26.66
N GLU A 120 -48.95 -38.16 27.58
CA GLU A 120 -49.60 -39.40 28.11
C GLU A 120 -50.33 -40.11 26.96
N GLY A 121 -50.19 -41.44 26.91
CA GLY A 121 -50.86 -42.30 25.92
C GLY A 121 -50.15 -42.28 24.57
N GLU A 122 -48.88 -41.90 24.56
CA GLU A 122 -48.00 -41.98 23.36
C GLU A 122 -48.58 -41.11 22.23
N ALA A 123 -49.49 -40.18 22.55
CA ALA A 123 -49.99 -39.12 21.64
C ALA A 123 -48.79 -38.29 21.19
N LYS A 124 -48.69 -38.00 19.89
CA LYS A 124 -47.52 -37.30 19.29
C LYS A 124 -47.77 -35.80 19.29
N GLU A 125 -49.01 -35.33 19.09
CA GLU A 125 -49.33 -33.90 18.93
C GLU A 125 -50.82 -33.65 19.17
N TYR A 126 -51.18 -32.40 19.45
CA TYR A 126 -52.57 -31.93 19.70
C TYR A 126 -52.79 -30.59 19.01
N SER A 127 -54.00 -30.40 18.47
CA SER A 127 -54.45 -29.21 17.71
C SER A 127 -55.29 -28.32 18.62
N TYR A 128 -55.04 -27.02 18.58
CA TYR A 128 -55.79 -25.99 19.36
C TYR A 128 -56.34 -24.94 18.38
N LYS A 129 -57.23 -24.08 18.88
CA LYS A 129 -57.90 -22.98 18.13
C LYS A 129 -57.71 -21.69 18.93
N THR A 130 -57.79 -20.54 18.25
CA THR A 130 -57.63 -19.22 18.92
C THR A 130 -58.75 -19.03 19.93
N GLY A 131 -58.46 -18.37 21.06
CA GLY A 131 -59.44 -18.10 22.13
C GLY A 131 -59.52 -19.25 23.12
N GLU A 132 -58.88 -20.39 22.81
CA GLU A 132 -58.80 -21.56 23.72
C GLU A 132 -57.99 -21.19 24.96
N LYS A 133 -58.40 -21.67 26.13
CA LYS A 133 -57.72 -21.38 27.42
C LYS A 133 -57.19 -22.69 27.99
N ILE A 134 -55.91 -22.74 28.38
CA ILE A 134 -55.27 -23.96 28.92
C ILE A 134 -54.18 -23.53 29.91
N ARG A 135 -53.44 -24.48 30.48
CA ARG A 135 -52.39 -24.21 31.51
C ARG A 135 -51.05 -24.81 31.08
N VAL A 136 -49.96 -24.20 31.55
CA VAL A 136 -48.54 -24.65 31.33
C VAL A 136 -47.96 -24.97 32.71
N ALA A 137 -47.39 -26.17 32.85
CA ALA A 137 -46.90 -26.76 34.12
C ALA A 137 -45.42 -26.45 34.32
N THR A 138 -45.07 -25.87 35.48
CA THR A 138 -43.66 -25.51 35.83
C THR A 138 -42.99 -26.68 36.57
N LYS A 139 -43.74 -27.68 37.03
CA LYS A 139 -43.19 -28.86 37.74
C LYS A 139 -42.36 -29.66 36.73
N GLN A 140 -41.24 -30.23 37.17
CA GLN A 140 -40.32 -31.00 36.27
C GLN A 140 -40.49 -32.49 36.53
N GLY A 141 -40.25 -33.31 35.50
CA GLY A 141 -40.36 -34.79 35.56
C GLY A 141 -41.70 -35.31 35.05
N ILE A 142 -42.75 -34.47 35.08
CA ILE A 142 -44.16 -34.87 34.78
C ILE A 142 -44.38 -34.91 33.26
N LYS A 143 -45.43 -35.59 32.81
CA LYS A 143 -45.77 -35.74 31.37
C LYS A 143 -46.77 -34.66 30.95
N SER A 144 -46.93 -34.46 29.64
CA SER A 144 -47.88 -33.51 29.02
C SER A 144 -49.26 -34.17 28.90
N THR A 145 -50.32 -33.38 29.11
CA THR A 145 -51.71 -33.65 28.67
C THR A 145 -52.10 -32.59 27.63
N ARG A 146 -53.15 -32.86 26.86
CA ARG A 146 -53.75 -31.88 25.91
C ARG A 146 -54.18 -30.64 26.68
N GLU A 147 -54.68 -30.79 27.91
CA GLU A 147 -55.29 -29.68 28.70
C GLU A 147 -54.25 -29.00 29.61
N VAL A 148 -53.14 -29.67 29.90
CA VAL A 148 -52.02 -29.10 30.69
C VAL A 148 -50.69 -29.51 30.04
N ILE A 149 -49.83 -28.54 29.74
CA ILE A 149 -48.54 -28.76 29.04
C ILE A 149 -47.40 -28.68 30.07
N ALA A 150 -46.58 -29.73 30.11
CA ALA A 150 -45.37 -29.85 30.94
C ALA A 150 -44.13 -29.47 30.11
N LEU A 151 -43.33 -28.55 30.64
CA LEU A 151 -42.05 -28.07 30.04
C LEU A 151 -40.89 -28.89 30.58
N ASN A 152 -40.01 -29.34 29.69
CA ASN A 152 -38.69 -29.92 30.02
C ASN A 152 -37.68 -28.78 30.04
N VAL A 153 -37.38 -28.20 31.21
CA VAL A 153 -36.38 -27.11 31.39
C VAL A 153 -35.02 -27.75 31.67
N ALA A 154 -33.96 -27.33 30.97
CA ALA A 154 -32.60 -27.89 31.11
C ALA A 154 -32.14 -27.74 32.57
N GLY A 155 -31.66 -28.84 33.17
CA GLY A 155 -31.14 -28.90 34.56
C GLY A 155 -32.25 -28.74 35.60
N ALA A 156 -33.49 -29.00 35.18
CA ALA A 156 -34.73 -29.04 36.00
C ALA A 156 -34.91 -27.75 36.81
N LEU A 157 -34.85 -26.59 36.15
CA LEU A 157 -35.09 -25.28 36.80
C LEU A 157 -36.58 -25.02 36.96
N ASP A 158 -36.96 -24.35 38.06
CA ASP A 158 -38.35 -23.88 38.34
C ASP A 158 -38.45 -22.46 37.78
N ILE A 159 -39.26 -22.24 36.77
CA ILE A 159 -39.30 -20.93 36.06
C ILE A 159 -40.57 -20.17 36.46
N TYR A 160 -41.32 -20.65 37.45
CA TYR A 160 -42.59 -20.02 37.90
C TYR A 160 -42.32 -18.57 38.34
N ASP A 161 -41.21 -18.34 39.05
CA ASP A 161 -40.89 -17.02 39.67
C ASP A 161 -40.16 -16.11 38.67
N ASP A 162 -39.82 -16.58 37.47
CA ASP A 162 -38.96 -15.84 36.51
C ASP A 162 -39.75 -15.47 35.25
N VAL A 163 -41.05 -15.76 35.19
CA VAL A 163 -41.95 -15.42 34.05
C VAL A 163 -43.11 -14.59 34.60
N GLU A 164 -43.50 -13.54 33.91
CA GLU A 164 -44.50 -12.55 34.41
C GLU A 164 -45.80 -12.72 33.63
N VAL A 165 -46.92 -12.26 34.21
CA VAL A 165 -48.24 -12.16 33.52
C VAL A 165 -48.02 -11.25 32.29
N GLY A 166 -48.66 -11.57 31.17
CA GLY A 166 -48.54 -10.78 29.93
C GLY A 166 -47.38 -11.23 29.05
N ARG A 167 -46.49 -12.10 29.55
CA ARG A 167 -45.40 -12.68 28.73
C ARG A 167 -45.99 -13.71 27.76
N GLN A 168 -45.17 -14.23 26.85
CA GLN A 168 -45.63 -15.01 25.69
C GLN A 168 -44.75 -16.25 25.55
N VAL A 169 -45.37 -17.43 25.55
CA VAL A 169 -44.69 -18.76 25.47
C VAL A 169 -44.93 -19.30 24.06
N LEU A 170 -43.85 -19.52 23.30
CA LEU A 170 -43.95 -19.89 21.86
C LEU A 170 -43.46 -21.33 21.69
N VAL A 171 -44.09 -22.06 20.78
CA VAL A 171 -43.83 -23.51 20.57
C VAL A 171 -43.66 -23.76 19.07
N ASP A 172 -42.81 -24.74 18.71
CA ASP A 172 -42.48 -25.14 17.31
C ASP A 172 -42.10 -23.89 16.49
N ASP A 173 -40.92 -23.33 16.76
CA ASP A 173 -40.30 -22.27 15.94
C ASP A 173 -41.15 -21.01 16.08
N GLY A 174 -41.76 -20.79 17.24
CA GLY A 174 -42.64 -19.63 17.47
C GLY A 174 -43.81 -19.58 16.49
N LYS A 175 -44.19 -20.72 15.89
CA LYS A 175 -45.36 -20.78 14.98
C LYS A 175 -46.67 -20.71 15.79
N LEU A 176 -46.68 -21.17 17.06
CA LEU A 176 -47.88 -21.14 17.95
C LEU A 176 -47.55 -20.37 19.24
N GLY A 177 -48.36 -19.36 19.57
CA GLY A 177 -48.15 -18.50 20.75
C GLY A 177 -49.19 -18.75 21.83
N LEU A 178 -48.77 -18.74 23.10
CA LEU A 178 -49.65 -18.80 24.31
C LEU A 178 -49.32 -17.61 25.21
N ARG A 179 -50.29 -16.70 25.42
CA ARG A 179 -50.16 -15.52 26.30
C ARG A 179 -50.42 -15.96 27.74
N VAL A 180 -49.50 -15.66 28.67
CA VAL A 180 -49.76 -15.86 30.13
C VAL A 180 -50.71 -14.75 30.59
N VAL A 181 -51.93 -15.11 30.99
CA VAL A 181 -53.00 -14.16 31.41
C VAL A 181 -53.20 -14.26 32.93
N ALA A 182 -52.68 -15.32 33.57
CA ALA A 182 -52.83 -15.59 35.01
C ALA A 182 -51.85 -16.66 35.47
N LYS A 183 -51.44 -16.55 36.73
CA LYS A 183 -50.56 -17.50 37.45
C LYS A 183 -51.35 -18.10 38.62
N ASP A 184 -51.23 -19.41 38.87
CA ASP A 184 -51.86 -20.08 40.04
C ASP A 184 -50.75 -20.56 40.98
N ASP A 185 -50.53 -19.81 42.08
CA ASP A 185 -49.49 -20.05 43.12
C ASP A 185 -49.71 -21.42 43.77
N ALA A 186 -50.98 -21.84 43.89
CA ALA A 186 -51.39 -23.15 44.47
C ALA A 186 -50.72 -24.30 43.69
N THR A 187 -50.92 -24.37 42.37
CA THR A 187 -50.41 -25.47 41.50
C THR A 187 -49.09 -25.06 40.82
N ARG A 188 -48.62 -23.83 40.99
CA ARG A 188 -47.41 -23.30 40.31
C ARG A 188 -47.55 -23.55 38.80
N GLU A 189 -48.59 -22.98 38.18
CA GLU A 189 -48.92 -23.16 36.74
C GLU A 189 -49.20 -21.78 36.14
N PHE A 190 -49.11 -21.68 34.81
CA PHE A 190 -49.50 -20.48 34.03
C PHE A 190 -50.83 -20.78 33.32
N GLU A 191 -51.82 -19.89 33.47
CA GLU A 191 -53.07 -19.92 32.67
C GLU A 191 -52.76 -19.17 31.37
N VAL A 192 -52.95 -19.83 30.23
CA VAL A 192 -52.58 -19.28 28.90
C VAL A 192 -53.80 -19.29 27.97
N GLU A 193 -53.81 -18.37 26.99
CA GLU A 193 -54.79 -18.28 25.89
C GLU A 193 -54.06 -18.54 24.57
N VAL A 194 -54.56 -19.48 23.76
CA VAL A 194 -54.04 -19.76 22.40
C VAL A 194 -54.34 -18.56 21.50
N GLU A 195 -53.31 -18.02 20.84
CA GLU A 195 -53.35 -16.74 20.08
C GLU A 195 -53.50 -16.97 18.58
N ASN A 196 -53.42 -18.23 18.12
CA ASN A 196 -53.55 -18.61 16.68
C ASN A 196 -53.81 -20.12 16.60
N ASP A 197 -54.50 -20.62 15.57
CA ASP A 197 -54.68 -22.09 15.36
C ASP A 197 -53.29 -22.72 15.23
N GLY A 198 -52.99 -23.78 15.97
CA GLY A 198 -51.67 -24.41 15.89
C GLY A 198 -51.56 -25.69 16.70
N ILE A 199 -50.52 -26.45 16.39
CA ILE A 199 -50.21 -27.81 16.92
C ILE A 199 -49.17 -27.66 18.06
N ILE A 200 -49.36 -28.34 19.18
CA ILE A 200 -48.29 -28.52 20.20
C ILE A 200 -47.84 -29.97 20.13
N ALA A 201 -46.74 -30.27 19.44
CA ALA A 201 -46.18 -31.65 19.41
C ALA A 201 -45.20 -31.80 20.58
N LYS A 202 -44.89 -33.05 20.94
CA LYS A 202 -43.92 -33.38 22.02
C LYS A 202 -42.49 -33.09 21.51
N GLN A 203 -41.58 -32.77 22.41
CA GLN A 203 -40.13 -32.56 22.13
C GLN A 203 -39.92 -31.31 21.24
N LYS A 204 -40.90 -30.41 21.14
CA LYS A 204 -40.76 -29.18 20.32
C LYS A 204 -40.11 -28.10 21.19
N GLY A 205 -39.39 -27.18 20.57
CA GLY A 205 -38.71 -26.06 21.26
C GLY A 205 -39.71 -25.11 21.90
N VAL A 206 -39.32 -24.55 23.05
CA VAL A 206 -40.12 -23.53 23.79
C VAL A 206 -39.28 -22.26 23.95
N ASN A 207 -39.86 -21.09 23.65
CA ASN A 207 -39.17 -19.78 23.73
C ASN A 207 -40.06 -18.83 24.52
N ILE A 208 -39.45 -18.06 25.43
CA ILE A 208 -40.14 -17.00 26.22
C ILE A 208 -39.30 -15.74 26.07
N PRO A 209 -39.67 -14.83 25.15
CA PRO A 209 -38.99 -13.54 25.01
C PRO A 209 -39.08 -12.62 26.24
N ASN A 210 -38.13 -11.67 26.34
CA ASN A 210 -38.19 -10.53 27.31
C ASN A 210 -38.15 -11.10 28.72
N THR A 211 -37.46 -12.22 28.93
CA THR A 211 -37.31 -12.85 30.26
C THR A 211 -35.83 -13.04 30.56
N LYS A 212 -35.51 -13.12 31.85
CA LYS A 212 -34.16 -13.47 32.36
C LYS A 212 -34.32 -14.68 33.26
N ILE A 213 -34.66 -15.86 32.72
CA ILE A 213 -34.64 -17.12 33.50
C ILE A 213 -33.19 -17.37 33.93
N PRO A 214 -32.93 -17.49 35.25
CA PRO A 214 -31.55 -17.47 35.75
C PRO A 214 -30.83 -18.81 35.54
N PHE A 215 -30.64 -19.20 34.27
CA PHE A 215 -29.80 -20.36 33.88
C PHE A 215 -28.36 -20.07 34.27
N PRO A 216 -27.59 -21.09 34.71
CA PRO A 216 -26.19 -20.87 35.09
C PRO A 216 -25.35 -20.43 33.88
N ALA A 217 -24.26 -19.72 34.14
CA ALA A 217 -23.27 -19.30 33.12
C ALA A 217 -22.83 -20.55 32.36
N LEU A 218 -22.56 -21.62 33.10
CA LEU A 218 -22.25 -22.94 32.51
C LEU A 218 -22.97 -24.00 33.35
N ALA A 219 -23.90 -24.73 32.73
CA ALA A 219 -24.73 -25.81 33.31
C ALA A 219 -23.94 -27.13 33.22
N GLU A 220 -24.22 -28.07 34.13
CA GLU A 220 -23.35 -29.24 34.37
C GLU A 220 -23.33 -30.12 33.12
N ARG A 221 -24.46 -30.21 32.40
CA ARG A 221 -24.58 -31.05 31.17
C ARG A 221 -23.59 -30.53 30.11
N ASP A 222 -23.54 -29.20 29.92
CA ASP A 222 -22.72 -28.57 28.85
C ASP A 222 -21.23 -28.69 29.19
N ASN A 223 -20.86 -28.60 30.47
CA ASN A 223 -19.48 -28.85 30.94
C ASN A 223 -19.07 -30.27 30.49
N ASP A 224 -19.91 -31.28 30.71
CA ASP A 224 -19.63 -32.71 30.39
C ASP A 224 -19.58 -32.90 28.87
N ASP A 225 -20.53 -32.32 28.13
CA ASP A 225 -20.60 -32.39 26.65
C ASP A 225 -19.27 -31.91 26.04
N ILE A 226 -18.77 -30.78 26.55
CA ILE A 226 -17.55 -30.10 26.03
C ILE A 226 -16.34 -30.95 26.39
N ARG A 227 -16.32 -31.44 27.62
CA ARG A 227 -15.22 -32.28 28.14
C ARG A 227 -15.11 -33.54 27.30
N PHE A 228 -16.25 -34.14 26.98
CA PHE A 228 -16.34 -35.35 26.12
C PHE A 228 -15.84 -34.97 24.73
N GLY A 229 -16.29 -33.83 24.22
CA GLY A 229 -15.93 -33.34 22.86
C GLY A 229 -14.44 -33.06 22.77
N LEU A 230 -13.89 -32.36 23.75
CA LEU A 230 -12.46 -32.00 23.79
C LEU A 230 -11.60 -33.27 23.79
N GLU A 231 -12.06 -34.33 24.49
CA GLU A 231 -11.38 -35.64 24.59
C GLU A 231 -11.31 -36.30 23.20
N GLN A 232 -12.39 -36.24 22.43
CA GLN A 232 -12.46 -36.83 21.06
C GLN A 232 -11.50 -36.07 20.15
N GLY A 233 -11.41 -34.75 20.31
CA GLY A 233 -10.63 -33.84 19.43
C GLY A 233 -11.52 -33.02 18.53
N ILE A 234 -11.73 -31.74 18.87
CA ILE A 234 -12.53 -30.74 18.12
C ILE A 234 -11.69 -29.47 17.94
N ASN A 235 -11.99 -28.71 16.88
CA ASN A 235 -11.25 -27.48 16.51
C ASN A 235 -12.06 -26.26 16.93
N PHE A 236 -13.38 -26.39 17.07
CA PHE A 236 -14.31 -25.26 17.37
C PHE A 236 -15.40 -25.71 18.35
N ILE A 237 -15.96 -24.74 19.06
CA ILE A 237 -17.15 -24.92 19.94
C ILE A 237 -18.11 -23.75 19.68
N ALA A 238 -19.37 -24.02 19.41
CA ALA A 238 -20.42 -22.98 19.32
C ALA A 238 -21.22 -22.99 20.63
N ILE A 239 -21.11 -21.94 21.42
CA ILE A 239 -21.82 -21.85 22.73
C ILE A 239 -23.22 -21.28 22.50
N SER A 240 -24.25 -22.07 22.80
CA SER A 240 -25.65 -21.67 22.57
C SER A 240 -26.09 -20.64 23.61
N PHE A 241 -26.93 -19.71 23.20
CA PHE A 241 -27.63 -18.72 24.06
C PHE A 241 -26.62 -17.95 24.90
N VAL A 242 -25.54 -17.45 24.27
CA VAL A 242 -24.56 -16.55 24.96
C VAL A 242 -25.27 -15.22 25.26
N ARG A 243 -25.28 -14.84 26.54
CA ARG A 243 -25.92 -13.60 27.07
C ARG A 243 -24.82 -12.58 27.38
N THR A 244 -23.63 -13.06 27.74
CA THR A 244 -22.56 -12.20 28.30
C THR A 244 -21.20 -12.86 28.05
N ALA A 245 -20.13 -12.07 28.17
CA ALA A 245 -18.71 -12.48 28.12
C ALA A 245 -18.45 -13.61 29.13
N LYS A 246 -19.10 -13.53 30.30
CA LYS A 246 -18.97 -14.51 31.41
C LYS A 246 -19.25 -15.91 30.87
N ASP A 247 -20.33 -16.07 30.08
CA ASP A 247 -20.78 -17.37 29.52
C ASP A 247 -19.66 -17.95 28.64
N VAL A 248 -18.98 -17.09 27.88
CA VAL A 248 -17.91 -17.52 26.93
C VAL A 248 -16.66 -17.91 27.75
N ASN A 249 -16.31 -17.11 28.75
CA ASN A 249 -15.08 -17.30 29.56
C ASN A 249 -15.17 -18.60 30.38
N GLU A 250 -16.37 -19.02 30.80
CA GLU A 250 -16.54 -20.27 31.58
C GLU A 250 -16.08 -21.45 30.73
N VAL A 251 -16.38 -21.41 29.43
CA VAL A 251 -15.94 -22.44 28.45
C VAL A 251 -14.44 -22.31 28.20
N ARG A 252 -13.96 -21.06 28.08
CA ARG A 252 -12.53 -20.73 27.82
C ARG A 252 -11.68 -21.39 28.91
N ALA A 253 -12.11 -21.29 30.17
CA ALA A 253 -11.42 -21.84 31.36
C ALA A 253 -11.15 -23.34 31.14
N ILE A 254 -12.16 -24.07 30.68
CA ILE A 254 -12.07 -25.55 30.49
C ILE A 254 -11.03 -25.83 29.40
N CYS A 255 -11.08 -25.10 28.30
CA CYS A 255 -10.14 -25.30 27.16
C CYS A 255 -8.71 -25.15 27.66
N GLU A 256 -8.44 -24.12 28.48
CA GLU A 256 -7.14 -23.81 29.15
C GLU A 256 -6.73 -24.94 30.12
N GLU A 257 -7.67 -25.40 30.95
CA GLU A 257 -7.50 -26.47 31.97
C GLU A 257 -7.04 -27.76 31.30
N THR A 258 -7.66 -28.14 30.19
CA THR A 258 -7.52 -29.48 29.57
C THR A 258 -6.34 -29.48 28.59
N GLY A 259 -5.63 -28.35 28.44
CA GLY A 259 -4.58 -28.16 27.41
C GLY A 259 -5.18 -28.12 26.00
N ASN A 260 -6.31 -27.44 25.83
CA ASN A 260 -6.99 -27.23 24.53
C ASN A 260 -7.17 -25.72 24.30
N GLY A 261 -6.07 -24.96 24.29
CA GLY A 261 -6.07 -23.49 24.14
C GLY A 261 -6.41 -23.11 22.72
N HIS A 262 -5.99 -23.97 21.78
CA HIS A 262 -6.17 -23.86 20.31
C HIS A 262 -7.66 -23.92 19.89
N VAL A 263 -8.54 -24.42 20.75
CA VAL A 263 -9.98 -24.52 20.39
C VAL A 263 -10.55 -23.11 20.31
N GLN A 264 -11.19 -22.81 19.19
CA GLN A 264 -11.76 -21.46 18.92
C GLN A 264 -13.24 -21.50 19.27
N LEU A 265 -13.69 -20.51 20.03
CA LEU A 265 -15.06 -20.46 20.60
C LEU A 265 -15.90 -19.46 19.80
N PHE A 266 -17.01 -19.92 19.22
CA PHE A 266 -18.03 -19.04 18.61
C PHE A 266 -19.18 -18.82 19.58
N ALA A 267 -19.44 -17.59 19.97
CA ALA A 267 -20.67 -17.22 20.69
C ALA A 267 -21.83 -17.28 19.68
N LYS A 268 -22.86 -18.04 19.98
CA LYS A 268 -24.12 -18.03 19.19
C LYS A 268 -24.99 -16.92 19.76
N ILE A 269 -25.31 -15.92 18.95
CA ILE A 269 -26.20 -14.82 19.37
C ILE A 269 -27.62 -15.29 19.07
N GLU A 270 -28.36 -15.70 20.11
CA GLU A 270 -29.68 -16.37 19.97
C GLU A 270 -30.76 -15.55 20.67
N ASN A 271 -30.45 -14.40 21.25
CA ASN A 271 -31.40 -13.68 22.14
C ASN A 271 -31.00 -12.21 22.37
N GLN A 272 -31.90 -11.44 22.99
CA GLN A 272 -31.80 -9.96 23.18
C GLN A 272 -30.57 -9.59 24.03
N GLN A 273 -30.33 -10.34 25.12
CA GLN A 273 -29.16 -10.13 26.02
C GLN A 273 -27.87 -10.25 25.20
N GLY A 274 -27.82 -11.25 24.31
CA GLY A 274 -26.69 -11.45 23.38
C GLY A 274 -26.48 -10.27 22.43
N ILE A 275 -27.56 -9.72 21.87
CA ILE A 275 -27.53 -8.54 20.96
C ILE A 275 -27.00 -7.36 21.76
N ASP A 276 -27.54 -7.11 22.96
CA ASP A 276 -27.19 -5.92 23.76
C ASP A 276 -25.71 -5.99 24.12
N ASN A 277 -25.20 -7.18 24.47
CA ASN A 277 -23.81 -7.36 24.97
C ASN A 277 -22.88 -7.83 23.84
N LEU A 278 -23.27 -7.66 22.59
CA LEU A 278 -22.51 -8.19 21.43
C LEU A 278 -21.05 -7.72 21.50
N ASP A 279 -20.83 -6.45 21.87
CA ASP A 279 -19.49 -5.81 21.86
C ASP A 279 -18.55 -6.59 22.79
N GLU A 280 -18.97 -6.84 24.04
CA GLU A 280 -18.15 -7.55 25.06
C GLU A 280 -18.02 -9.04 24.69
N ILE A 281 -19.01 -9.59 23.98
CA ILE A 281 -19.02 -11.02 23.57
C ILE A 281 -18.02 -11.20 22.42
N ILE A 282 -17.92 -10.24 21.50
CA ILE A 282 -17.01 -10.33 20.32
C ILE A 282 -15.55 -10.26 20.81
N GLU A 283 -15.28 -9.43 21.82
CA GLU A 283 -13.95 -9.34 22.49
C GLU A 283 -13.60 -10.71 23.11
N ALA A 284 -14.56 -11.37 23.76
CA ALA A 284 -14.35 -12.61 24.54
C ALA A 284 -14.10 -13.80 23.60
N ALA A 285 -14.78 -13.83 22.46
CA ALA A 285 -14.89 -15.01 21.57
C ALA A 285 -13.84 -14.95 20.45
N ASP A 286 -13.72 -16.04 19.68
CA ASP A 286 -12.83 -16.13 18.49
C ASP A 286 -13.65 -15.90 17.22
N GLY A 287 -14.95 -15.71 17.37
CA GLY A 287 -15.90 -15.42 16.28
C GLY A 287 -17.33 -15.52 16.73
N ILE A 288 -18.28 -15.41 15.81
CA ILE A 288 -19.74 -15.40 16.12
C ILE A 288 -20.44 -16.34 15.13
N MET A 289 -21.50 -17.01 15.58
CA MET A 289 -22.48 -17.72 14.72
C MET A 289 -23.80 -16.95 14.80
N ILE A 290 -24.32 -16.49 13.67
CA ILE A 290 -25.66 -15.84 13.63
C ILE A 290 -26.66 -16.98 13.62
N ALA A 291 -27.30 -17.19 14.76
CA ALA A 291 -28.30 -18.26 14.97
C ALA A 291 -29.69 -17.69 14.70
N ARG A 292 -30.12 -17.73 13.44
CA ARG A 292 -31.31 -16.98 12.92
C ARG A 292 -32.59 -17.63 13.45
N GLY A 293 -32.55 -18.94 13.69
CA GLY A 293 -33.69 -19.69 14.21
C GLY A 293 -34.20 -19.08 15.49
N ASP A 294 -33.43 -19.28 16.54
CA ASP A 294 -33.77 -18.84 17.91
C ASP A 294 -33.96 -17.33 17.92
N MET A 295 -33.11 -16.60 17.19
CA MET A 295 -33.08 -15.11 17.11
C MET A 295 -34.40 -14.58 16.54
N GLY A 296 -34.98 -15.27 15.55
CA GLY A 296 -36.22 -14.86 14.86
C GLY A 296 -37.42 -14.90 15.79
N ILE A 297 -37.41 -15.86 16.72
CA ILE A 297 -38.44 -16.02 17.77
C ILE A 297 -38.22 -14.96 18.86
N GLU A 298 -36.97 -14.75 19.25
CA GLU A 298 -36.63 -13.88 20.41
C GLU A 298 -36.77 -12.40 20.04
N VAL A 299 -36.48 -12.00 18.79
CA VAL A 299 -36.58 -10.58 18.33
C VAL A 299 -37.66 -10.46 17.25
N PRO A 300 -38.18 -9.24 16.98
CA PRO A 300 -39.07 -9.03 15.84
C PRO A 300 -38.53 -9.75 14.59
N PHE A 301 -39.40 -10.41 13.83
CA PHE A 301 -39.01 -11.34 12.75
C PHE A 301 -38.33 -10.57 11.62
N GLU A 302 -38.83 -9.35 11.38
CA GLU A 302 -38.46 -8.45 10.26
C GLU A 302 -37.20 -7.65 10.61
N MET A 303 -36.62 -7.92 11.76
CA MET A 303 -35.39 -7.26 12.25
C MET A 303 -34.19 -8.21 12.18
N VAL A 304 -34.40 -9.44 11.71
CA VAL A 304 -33.32 -10.47 11.63
C VAL A 304 -32.30 -10.03 10.57
N PRO A 305 -32.75 -9.53 9.39
CA PRO A 305 -31.81 -9.07 8.36
C PRO A 305 -30.96 -7.86 8.82
N VAL A 306 -31.50 -7.00 9.69
CA VAL A 306 -30.77 -5.84 10.28
C VAL A 306 -29.63 -6.37 11.15
N TYR A 307 -29.90 -7.33 12.03
CA TYR A 307 -28.89 -7.88 12.98
C TYR A 307 -27.87 -8.71 12.22
N GLN A 308 -28.28 -9.38 11.15
CA GLN A 308 -27.34 -10.22 10.36
C GLN A 308 -26.25 -9.30 9.78
N LYS A 309 -26.65 -8.15 9.21
CA LYS A 309 -25.71 -7.23 8.51
C LYS A 309 -24.82 -6.56 9.57
N MET A 310 -25.42 -5.97 10.59
CA MET A 310 -24.67 -5.34 11.71
C MET A 310 -23.64 -6.32 12.28
N ILE A 311 -24.04 -7.55 12.61
CA ILE A 311 -23.15 -8.52 13.32
C ILE A 311 -21.94 -8.87 12.44
N ILE A 312 -22.17 -9.14 11.15
CA ILE A 312 -21.10 -9.50 10.20
C ILE A 312 -20.05 -8.38 10.15
N LYS A 313 -20.52 -7.13 10.08
CA LYS A 313 -19.67 -5.91 9.98
C LYS A 313 -18.69 -5.82 11.17
N LYS A 314 -19.21 -5.98 12.40
CA LYS A 314 -18.48 -5.81 13.68
C LYS A 314 -17.48 -6.95 13.90
N VAL A 315 -17.89 -8.16 13.57
CA VAL A 315 -17.02 -9.36 13.72
C VAL A 315 -15.84 -9.22 12.75
N ASN A 316 -16.12 -8.79 11.52
CA ASN A 316 -15.05 -8.54 10.51
C ASN A 316 -14.08 -7.48 11.05
N ALA A 317 -14.60 -6.40 11.65
CA ALA A 317 -13.78 -5.30 12.20
C ALA A 317 -12.91 -5.82 13.35
N ALA A 318 -13.31 -6.87 14.04
CA ALA A 318 -12.52 -7.48 15.13
C ALA A 318 -11.55 -8.52 14.55
N GLY A 319 -11.64 -8.78 13.25
CA GLY A 319 -10.70 -9.68 12.56
C GLY A 319 -11.06 -11.13 12.76
N LYS A 320 -12.26 -11.38 13.27
CA LYS A 320 -12.74 -12.71 13.71
C LYS A 320 -13.65 -13.28 12.61
N VAL A 321 -14.21 -14.48 12.85
CA VAL A 321 -14.98 -15.31 11.87
C VAL A 321 -16.48 -15.20 12.18
N VAL A 322 -17.30 -15.00 11.17
CA VAL A 322 -18.78 -14.97 11.34
C VAL A 322 -19.37 -16.10 10.49
N ILE A 323 -20.35 -16.80 11.04
CA ILE A 323 -21.12 -17.91 10.38
C ILE A 323 -22.61 -17.51 10.38
N THR A 324 -23.19 -17.38 9.19
CA THR A 324 -24.64 -17.16 8.99
C THR A 324 -25.27 -18.54 8.79
N ALA A 325 -26.23 -18.89 9.67
CA ALA A 325 -26.77 -20.25 9.91
C ALA A 325 -28.30 -20.20 10.07
N THR A 326 -28.95 -21.33 9.76
CA THR A 326 -30.36 -21.72 10.04
C THR A 326 -31.30 -21.29 8.91
N ASN A 327 -31.96 -22.26 8.26
CA ASN A 327 -33.02 -22.07 7.22
C ASN A 327 -32.41 -21.41 5.98
N MET A 328 -31.11 -21.61 5.74
CA MET A 328 -30.39 -21.09 4.55
C MET A 328 -30.98 -21.73 3.29
N LEU A 329 -31.22 -23.03 3.31
CA LEU A 329 -31.88 -23.76 2.19
C LEU A 329 -32.91 -24.73 2.76
N GLU A 330 -33.85 -24.23 3.57
CA GLU A 330 -34.80 -25.04 4.38
C GLU A 330 -35.42 -26.13 3.49
N THR A 331 -36.05 -25.73 2.39
CA THR A 331 -36.93 -26.59 1.54
C THR A 331 -36.16 -27.81 0.99
N MET A 332 -34.84 -27.79 0.91
CA MET A 332 -34.03 -28.92 0.31
C MET A 332 -33.94 -30.11 1.29
N THR A 333 -34.47 -29.97 2.51
CA THR A 333 -34.81 -31.09 3.43
C THR A 333 -35.76 -32.06 2.72
N GLU A 334 -36.77 -31.54 2.00
CA GLU A 334 -37.87 -32.31 1.37
C GLU A 334 -37.69 -32.40 -0.16
N LYS A 335 -37.18 -31.35 -0.82
CA LYS A 335 -37.27 -31.18 -2.29
C LYS A 335 -35.87 -31.06 -2.87
N PRO A 336 -35.65 -31.50 -4.13
CA PRO A 336 -34.35 -31.47 -4.77
C PRO A 336 -33.76 -30.09 -5.09
N ARG A 337 -34.60 -29.09 -5.33
CA ARG A 337 -34.19 -27.71 -5.68
C ARG A 337 -34.79 -26.74 -4.65
N ALA A 338 -34.00 -25.74 -4.25
CA ALA A 338 -34.38 -24.69 -3.26
C ALA A 338 -35.33 -23.69 -3.91
N THR A 339 -35.94 -22.82 -3.11
CA THR A 339 -36.77 -21.69 -3.59
C THR A 339 -35.84 -20.53 -4.02
N ARG A 340 -36.35 -19.60 -4.84
CA ARG A 340 -35.60 -18.42 -5.34
C ARG A 340 -35.25 -17.52 -4.16
N SER A 341 -36.07 -17.55 -3.11
CA SER A 341 -35.87 -16.75 -1.87
C SER A 341 -34.69 -17.30 -1.06
N GLU A 342 -34.56 -18.62 -1.01
CA GLU A 342 -33.45 -19.29 -0.31
C GLU A 342 -32.14 -19.01 -1.05
N VAL A 343 -32.15 -19.11 -2.37
CA VAL A 343 -30.96 -18.82 -3.21
C VAL A 343 -30.54 -17.37 -2.98
N SER A 344 -31.49 -16.44 -2.99
CA SER A 344 -31.27 -15.01 -2.67
C SER A 344 -30.58 -14.87 -1.31
N ASP A 345 -31.10 -15.54 -0.28
CA ASP A 345 -30.70 -15.44 1.14
C ASP A 345 -29.24 -15.86 1.30
N VAL A 346 -28.87 -17.01 0.74
CA VAL A 346 -27.47 -17.52 0.81
C VAL A 346 -26.57 -16.59 0.00
N PHE A 347 -27.06 -16.08 -1.13
CA PHE A 347 -26.35 -15.13 -2.01
C PHE A 347 -25.97 -13.86 -1.23
N ASN A 348 -26.90 -13.26 -0.47
CA ASN A 348 -26.65 -11.95 0.18
C ASN A 348 -25.85 -12.16 1.45
N ALA A 349 -25.78 -13.39 1.99
CA ALA A 349 -24.93 -13.67 3.17
C ALA A 349 -23.47 -13.45 2.75
N VAL A 350 -23.13 -13.88 1.54
CA VAL A 350 -21.76 -13.74 0.99
C VAL A 350 -21.48 -12.27 0.74
N ILE A 351 -22.45 -11.55 0.17
CA ILE A 351 -22.34 -10.10 -0.18
C ILE A 351 -22.30 -9.25 1.11
N ASP A 352 -22.87 -9.68 2.24
CA ASP A 352 -22.75 -8.91 3.51
C ASP A 352 -21.36 -9.15 4.08
N GLY A 353 -20.71 -10.21 3.62
CA GLY A 353 -19.31 -10.52 3.98
C GLY A 353 -19.23 -11.54 5.09
N THR A 354 -20.08 -12.58 5.05
CA THR A 354 -19.95 -13.75 5.95
C THR A 354 -18.69 -14.54 5.60
N ASP A 355 -17.98 -15.05 6.61
CA ASP A 355 -16.81 -15.93 6.38
C ASP A 355 -17.36 -17.27 5.91
N ALA A 356 -18.44 -17.74 6.52
CA ALA A 356 -18.99 -19.10 6.30
C ALA A 356 -20.53 -19.09 6.33
N THR A 357 -21.12 -20.10 5.67
CA THR A 357 -22.58 -20.41 5.63
C THR A 357 -22.79 -21.80 6.24
N MET A 358 -23.95 -22.06 6.84
CA MET A 358 -24.19 -23.32 7.57
C MET A 358 -25.53 -23.98 7.21
N LEU A 359 -25.46 -25.26 6.84
CA LEU A 359 -26.68 -26.06 6.61
C LEU A 359 -26.88 -26.83 7.89
N SER A 360 -28.08 -26.86 8.44
CA SER A 360 -28.34 -27.63 9.67
C SER A 360 -29.12 -28.88 9.27
N GLY A 361 -30.42 -28.74 9.10
CA GLY A 361 -31.33 -29.84 8.73
C GLY A 361 -31.05 -30.42 7.36
N GLU A 362 -30.66 -29.60 6.40
CA GLU A 362 -30.49 -30.07 5.01
C GLU A 362 -29.48 -31.21 4.88
N SER A 363 -28.44 -31.22 5.70
CA SER A 363 -27.32 -32.21 5.63
C SER A 363 -27.41 -33.28 6.75
N ALA A 364 -28.09 -32.99 7.86
CA ALA A 364 -28.16 -33.87 9.05
C ALA A 364 -29.25 -34.95 8.89
N ASN A 365 -30.45 -34.59 8.41
CA ASN A 365 -31.58 -35.54 8.33
C ASN A 365 -32.55 -35.08 7.24
N GLY A 366 -32.05 -34.87 6.02
CA GLY A 366 -32.87 -34.51 4.85
C GLY A 366 -32.66 -35.54 3.78
N LYS A 367 -33.39 -35.43 2.66
CA LYS A 367 -33.39 -36.41 1.54
C LYS A 367 -32.28 -36.09 0.53
N TYR A 368 -31.66 -34.92 0.66
CA TYR A 368 -30.72 -34.33 -0.33
C TYR A 368 -29.58 -33.66 0.41
N PRO A 369 -28.81 -34.41 1.24
CA PRO A 369 -27.67 -33.82 1.94
C PRO A 369 -26.54 -33.36 1.00
N LEU A 370 -26.18 -34.17 -0.01
CA LEU A 370 -25.07 -33.87 -0.97
C LEU A 370 -25.46 -32.76 -1.92
N GLU A 371 -26.70 -32.80 -2.44
CA GLU A 371 -27.28 -31.74 -3.31
C GLU A 371 -27.35 -30.41 -2.54
N SER A 372 -27.68 -30.42 -1.25
CA SER A 372 -27.75 -29.17 -0.48
C SER A 372 -26.37 -28.49 -0.46
N VAL A 373 -25.32 -29.27 -0.24
CA VAL A 373 -23.92 -28.78 -0.16
C VAL A 373 -23.57 -28.22 -1.56
N THR A 374 -23.78 -29.03 -2.60
CA THR A 374 -23.54 -28.65 -4.02
C THR A 374 -24.31 -27.38 -4.37
N THR A 375 -25.60 -27.30 -4.03
CA THR A 375 -26.38 -26.06 -4.28
C THR A 375 -25.71 -24.90 -3.54
N MET A 376 -25.32 -25.10 -2.27
CA MET A 376 -24.79 -23.99 -1.43
C MET A 376 -23.47 -23.48 -1.98
N ALA A 377 -22.55 -24.38 -2.30
CA ALA A 377 -21.25 -24.00 -2.89
C ALA A 377 -21.47 -23.21 -4.18
N THR A 378 -22.29 -23.70 -5.11
CA THR A 378 -22.47 -23.05 -6.43
C THR A 378 -22.93 -21.61 -6.20
N ILE A 379 -23.86 -21.40 -5.26
CA ILE A 379 -24.38 -20.05 -4.90
C ILE A 379 -23.21 -19.21 -4.33
N ASP A 380 -22.38 -19.85 -3.49
CA ASP A 380 -21.25 -19.22 -2.78
C ASP A 380 -20.27 -18.69 -3.84
N LYS A 381 -19.95 -19.47 -4.87
CA LYS A 381 -18.99 -19.10 -5.95
C LYS A 381 -19.60 -17.98 -6.81
N ASN A 382 -20.92 -18.02 -7.05
CA ASN A 382 -21.58 -17.01 -7.91
C ASN A 382 -21.53 -15.66 -7.17
N ALA A 383 -21.84 -15.64 -5.88
CA ALA A 383 -21.86 -14.40 -5.09
C ALA A 383 -20.45 -13.79 -5.07
N GLN A 384 -19.41 -14.64 -5.02
CA GLN A 384 -18.01 -14.21 -4.80
C GLN A 384 -17.48 -13.50 -6.06
N ALA A 385 -18.03 -13.81 -7.24
CA ALA A 385 -17.77 -13.05 -8.48
C ALA A 385 -18.33 -11.63 -8.38
N LEU A 386 -19.33 -11.38 -7.53
CA LEU A 386 -19.94 -10.03 -7.38
C LEU A 386 -19.39 -9.31 -6.14
N LEU A 387 -18.52 -9.94 -5.37
CA LEU A 387 -18.00 -9.35 -4.10
C LEU A 387 -17.25 -8.05 -4.38
N ASN A 388 -16.45 -8.01 -5.45
CA ASN A 388 -15.62 -6.82 -5.77
C ASN A 388 -16.54 -5.63 -5.98
N GLU A 389 -17.54 -5.73 -6.86
CA GLU A 389 -18.41 -4.58 -7.21
C GLU A 389 -19.45 -4.31 -6.11
N TYR A 390 -19.99 -5.33 -5.44
CA TYR A 390 -21.19 -5.18 -4.58
C TYR A 390 -20.92 -5.47 -3.10
N GLY A 391 -19.78 -6.09 -2.77
CA GLY A 391 -19.40 -6.44 -1.38
C GLY A 391 -19.64 -5.29 -0.42
N ARG A 392 -20.38 -5.51 0.66
CA ARG A 392 -20.75 -4.44 1.62
C ARG A 392 -19.66 -4.27 2.68
N LEU A 393 -18.67 -5.17 2.75
CA LEU A 393 -17.47 -5.00 3.62
C LEU A 393 -16.50 -4.01 2.96
N ASP A 394 -15.98 -3.07 3.75
CA ASP A 394 -15.02 -2.01 3.34
C ASP A 394 -13.77 -2.09 4.23
N SER A 395 -12.62 -2.43 3.66
CA SER A 395 -11.33 -2.52 4.38
C SER A 395 -10.66 -1.14 4.53
N ASP A 396 -11.16 -0.13 3.80
CA ASP A 396 -10.69 1.29 3.90
C ASP A 396 -11.11 1.89 5.24
N SER A 397 -12.23 1.46 5.82
CA SER A 397 -12.75 1.93 7.14
C SER A 397 -11.80 1.58 8.29
N PHE A 398 -10.92 0.58 8.14
CA PHE A 398 -10.01 0.11 9.22
C PHE A 398 -8.97 1.18 9.57
N GLU A 399 -8.55 1.22 10.84
CA GLU A 399 -7.43 2.06 11.34
C GLU A 399 -6.16 1.63 10.62
N ARG A 400 -5.23 2.55 10.37
CA ARG A 400 -4.01 2.26 9.58
C ARG A 400 -2.75 2.84 10.25
N ASN A 401 -2.64 2.83 11.59
CA ASN A 401 -1.52 3.48 12.31
C ASN A 401 -0.49 2.43 12.75
N SER A 402 -0.59 1.16 12.33
CA SER A 402 0.24 0.05 12.82
C SER A 402 0.80 -0.73 11.63
N LYS A 403 1.87 -1.50 11.83
CA LYS A 403 2.67 -2.09 10.71
C LYS A 403 1.88 -3.27 10.13
N THR A 404 1.09 -4.01 10.91
CA THR A 404 0.23 -5.10 10.39
C THR A 404 -0.82 -4.51 9.45
N GLU A 405 -1.46 -3.40 9.85
CA GLU A 405 -2.55 -2.76 9.07
C GLU A 405 -1.98 -2.20 7.75
N VAL A 406 -0.84 -1.51 7.77
CA VAL A 406 -0.25 -0.94 6.51
C VAL A 406 0.19 -2.11 5.61
N MET A 407 0.66 -3.21 6.21
CA MET A 407 1.16 -4.39 5.45
C MET A 407 -0.02 -5.13 4.81
N ALA A 408 -1.12 -5.32 5.54
CA ALA A 408 -2.34 -5.93 4.98
C ALA A 408 -2.91 -5.02 3.87
N SER A 409 -3.01 -3.72 4.17
CA SER A 409 -3.51 -2.70 3.23
C SER A 409 -2.72 -2.82 1.93
N ALA A 410 -1.40 -3.02 1.99
CA ALA A 410 -0.51 -3.06 0.81
C ALA A 410 -0.78 -4.34 0.00
N VAL A 411 -1.04 -5.44 0.69
CA VAL A 411 -1.44 -6.73 0.05
C VAL A 411 -2.79 -6.55 -0.66
N LYS A 412 -3.80 -6.02 0.02
CA LYS A 412 -5.13 -5.76 -0.61
C LYS A 412 -4.92 -4.85 -1.84
N ASP A 413 -4.16 -3.76 -1.74
CA ASP A 413 -3.99 -2.77 -2.85
C ASP A 413 -3.28 -3.46 -4.03
N ALA A 414 -2.33 -4.35 -3.75
CA ALA A 414 -1.62 -5.16 -4.78
C ALA A 414 -2.66 -5.93 -5.61
N THR A 415 -3.56 -6.66 -4.95
CA THR A 415 -4.60 -7.51 -5.59
C THR A 415 -5.61 -6.63 -6.32
N SER A 416 -5.90 -5.44 -5.78
CA SER A 416 -6.73 -4.38 -6.42
C SER A 416 -6.06 -3.91 -7.72
N SER A 417 -4.77 -3.61 -7.69
CA SER A 417 -4.06 -2.91 -8.78
C SER A 417 -3.57 -3.84 -9.90
N MET A 418 -3.30 -5.12 -9.60
CA MET A 418 -2.81 -6.13 -10.59
C MET A 418 -3.70 -7.38 -10.57
N ASP A 419 -3.54 -8.25 -11.57
CA ASP A 419 -4.07 -9.64 -11.57
C ASP A 419 -3.18 -10.49 -10.65
N ILE A 420 -3.49 -10.54 -9.35
CA ILE A 420 -2.76 -11.42 -8.39
C ILE A 420 -3.57 -12.72 -8.25
N LYS A 421 -3.03 -13.83 -8.77
CA LYS A 421 -3.70 -15.17 -8.77
C LYS A 421 -3.83 -15.71 -7.34
N LEU A 422 -2.83 -15.45 -6.49
CA LEU A 422 -2.76 -16.08 -5.16
C LEU A 422 -1.99 -15.18 -4.20
N VAL A 423 -2.43 -15.09 -2.94
CA VAL A 423 -1.63 -14.56 -1.81
C VAL A 423 -1.12 -15.78 -1.04
N VAL A 424 0.18 -15.88 -0.80
CA VAL A 424 0.76 -17.06 -0.07
C VAL A 424 1.41 -16.56 1.21
N THR A 425 1.10 -17.20 2.32
CA THR A 425 1.70 -16.80 3.62
C THR A 425 2.27 -18.02 4.32
N LEU A 426 3.38 -17.82 5.04
CA LEU A 426 3.90 -18.82 5.97
C LEU A 426 3.64 -18.31 7.39
N THR A 427 2.89 -19.05 8.18
CA THR A 427 2.44 -18.57 9.51
C THR A 427 2.54 -19.70 10.53
N LYS A 428 3.23 -19.43 11.64
CA LYS A 428 3.36 -20.36 12.80
C LYS A 428 2.03 -20.40 13.56
N THR A 429 1.48 -19.25 13.95
CA THR A 429 0.22 -19.14 14.73
C THR A 429 -0.99 -18.98 13.81
N GLY A 430 -0.79 -18.68 12.53
CA GLY A 430 -1.89 -18.44 11.56
C GLY A 430 -2.35 -17.00 11.56
N HIS A 431 -1.68 -16.13 12.33
CA HIS A 431 -2.04 -14.70 12.53
C HIS A 431 -2.09 -13.96 11.19
N THR A 432 -1.07 -14.13 10.36
CA THR A 432 -0.95 -13.46 9.04
C THR A 432 -2.14 -13.86 8.15
N ALA A 433 -2.51 -15.14 8.15
CA ALA A 433 -3.63 -15.64 7.32
C ALA A 433 -4.95 -14.93 7.74
N ARG A 434 -5.22 -14.78 9.05
CA ARG A 434 -6.43 -14.10 9.60
C ARG A 434 -6.43 -12.61 9.24
N LEU A 435 -5.25 -11.99 9.27
CA LEU A 435 -4.98 -10.57 8.90
C LEU A 435 -5.38 -10.34 7.45
N ILE A 436 -4.83 -11.11 6.51
CA ILE A 436 -5.13 -10.95 5.05
C ILE A 436 -6.59 -11.30 4.79
N SER A 437 -7.10 -12.36 5.44
CA SER A 437 -8.52 -12.82 5.40
C SER A 437 -9.45 -11.64 5.70
N LYS A 438 -9.15 -10.92 6.78
CA LYS A 438 -9.93 -9.78 7.31
C LYS A 438 -10.05 -8.71 6.22
N TYR A 439 -9.03 -8.56 5.36
CA TYR A 439 -8.99 -7.47 4.35
C TYR A 439 -9.65 -7.94 3.04
N ARG A 440 -10.07 -9.20 2.95
CA ARG A 440 -10.92 -9.69 1.84
C ARG A 440 -10.27 -9.37 0.49
N PRO A 441 -9.00 -9.81 0.26
CA PRO A 441 -8.34 -9.60 -1.01
C PRO A 441 -9.15 -10.20 -2.16
N ASN A 442 -9.07 -9.59 -3.33
CA ASN A 442 -9.54 -10.18 -4.61
C ASN A 442 -8.50 -11.24 -5.04
N ALA A 443 -8.25 -12.24 -4.19
CA ALA A 443 -7.38 -13.40 -4.47
C ALA A 443 -7.63 -14.51 -3.44
N ASP A 444 -7.33 -15.76 -3.83
CA ASP A 444 -7.27 -16.95 -2.96
C ASP A 444 -6.06 -16.80 -2.03
N ILE A 445 -6.13 -17.24 -0.78
CA ILE A 445 -5.03 -17.14 0.23
C ILE A 445 -4.49 -18.53 0.56
N LEU A 446 -3.33 -18.94 0.05
CA LEU A 446 -2.70 -20.21 0.52
C LEU A 446 -2.01 -19.93 1.86
N ALA A 447 -2.46 -20.54 2.96
CA ALA A 447 -1.84 -20.36 4.30
C ALA A 447 -0.98 -21.59 4.63
N LEU A 448 0.33 -21.52 4.42
CA LEU A 448 1.25 -22.64 4.76
C LEU A 448 1.54 -22.58 6.26
N THR A 449 1.41 -23.73 6.93
CA THR A 449 1.54 -23.89 8.41
C THR A 449 2.44 -25.08 8.78
N PHE A 450 2.65 -25.27 10.08
CA PHE A 450 3.64 -26.26 10.55
C PHE A 450 3.01 -27.25 11.53
N ASP A 451 1.70 -27.21 11.74
CA ASP A 451 1.03 -28.15 12.67
C ASP A 451 -0.45 -28.22 12.33
N GLU A 452 -1.06 -29.38 12.59
CA GLU A 452 -2.41 -29.77 12.13
C GLU A 452 -3.46 -28.92 12.86
N LEU A 453 -3.25 -28.66 14.15
CA LEU A 453 -4.18 -27.82 14.97
C LEU A 453 -4.34 -26.46 14.27
N THR A 454 -3.22 -25.83 13.88
CA THR A 454 -3.24 -24.51 13.19
C THR A 454 -3.93 -24.66 11.83
N GLU A 455 -3.62 -25.73 11.08
CA GLU A 455 -4.18 -26.07 9.75
C GLU A 455 -5.71 -26.11 9.85
N ARG A 456 -6.21 -26.94 10.76
CA ARG A 456 -7.67 -27.21 10.95
C ARG A 456 -8.35 -25.95 11.54
N GLY A 457 -7.63 -25.15 12.31
CA GLY A 457 -8.19 -23.96 13.00
C GLY A 457 -8.42 -22.79 12.03
N LEU A 458 -7.87 -22.88 10.82
CA LEU A 458 -7.96 -21.81 9.80
C LEU A 458 -9.09 -22.12 8.80
N MET A 459 -9.81 -23.23 9.00
CA MET A 459 -10.70 -23.85 7.99
C MET A 459 -11.96 -22.99 7.77
N LEU A 460 -12.35 -22.16 8.74
CA LEU A 460 -13.58 -21.33 8.67
C LEU A 460 -13.26 -19.88 8.28
N ASN A 461 -11.99 -19.49 8.18
CA ASN A 461 -11.58 -18.13 7.74
C ASN A 461 -11.78 -18.01 6.22
N TRP A 462 -12.48 -16.95 5.80
CA TRP A 462 -12.81 -16.57 4.40
C TRP A 462 -11.57 -16.64 3.53
N GLY A 463 -11.65 -17.34 2.41
CA GLY A 463 -10.67 -17.33 1.30
C GLY A 463 -9.38 -18.06 1.63
N VAL A 464 -9.25 -18.64 2.83
CA VAL A 464 -7.99 -19.25 3.31
C VAL A 464 -7.98 -20.74 2.96
N ILE A 465 -6.94 -21.20 2.26
CA ILE A 465 -6.69 -22.63 1.93
C ILE A 465 -5.53 -23.13 2.78
N PRO A 466 -5.76 -23.77 3.95
CA PRO A 466 -4.66 -24.22 4.80
C PRO A 466 -3.95 -25.45 4.23
N MET A 467 -2.63 -25.43 4.33
CA MET A 467 -1.74 -26.49 3.82
C MET A 467 -0.60 -26.65 4.81
N LEU A 468 -0.29 -27.89 5.17
CA LEU A 468 0.86 -28.21 6.05
C LEU A 468 2.15 -28.24 5.22
N THR A 469 3.24 -27.72 5.79
CA THR A 469 4.59 -27.81 5.20
C THR A 469 5.65 -27.75 6.31
N ASP A 470 6.92 -27.85 5.93
CA ASP A 470 8.11 -27.73 6.82
C ASP A 470 8.46 -26.25 7.03
N ALA A 471 8.86 -25.87 8.25
CA ALA A 471 9.34 -24.52 8.61
C ALA A 471 10.49 -24.10 7.70
N PRO A 472 10.60 -22.80 7.34
CA PRO A 472 11.73 -22.31 6.55
C PRO A 472 12.99 -22.01 7.37
N SER A 473 14.16 -22.29 6.80
CA SER A 473 15.50 -22.04 7.40
C SER A 473 15.82 -20.53 7.36
N SER A 474 15.40 -19.85 6.29
CA SER A 474 15.72 -18.44 5.99
C SER A 474 14.55 -17.77 5.25
N THR A 475 14.63 -16.45 5.08
CA THR A 475 13.65 -15.62 4.33
C THR A 475 13.65 -16.02 2.86
N ASP A 476 14.79 -16.33 2.26
CA ASP A 476 14.87 -16.69 0.82
C ASP A 476 14.26 -18.08 0.61
N ASP A 477 14.44 -18.94 1.61
CA ASP A 477 13.90 -20.32 1.62
C ASP A 477 12.38 -20.25 1.71
N MET A 478 11.89 -19.41 2.61
CA MET A 478 10.47 -19.02 2.76
C MET A 478 9.84 -18.65 1.40
N PHE A 479 10.48 -17.76 0.63
CA PHE A 479 10.01 -17.34 -0.72
C PHE A 479 10.04 -18.52 -1.71
N GLU A 480 11.01 -19.44 -1.56
CA GLU A 480 11.16 -20.63 -2.43
C GLU A 480 9.99 -21.58 -2.16
N ILE A 481 9.81 -21.94 -0.89
CA ILE A 481 8.74 -22.85 -0.36
C ILE A 481 7.36 -22.34 -0.81
N ALA A 482 7.05 -21.07 -0.58
CA ALA A 482 5.73 -20.49 -0.92
C ALA A 482 5.45 -20.71 -2.41
N GLU A 483 6.38 -20.35 -3.32
CA GLU A 483 6.17 -20.51 -4.79
C GLU A 483 6.07 -22.00 -5.15
N ARG A 484 6.93 -22.84 -4.57
CA ARG A 484 7.03 -24.29 -4.88
C ARG A 484 5.70 -24.97 -4.53
N LYS A 485 5.15 -24.71 -3.34
CA LYS A 485 3.88 -25.31 -2.88
C LYS A 485 2.75 -24.88 -3.81
N ALA A 486 2.57 -23.59 -4.05
CA ALA A 486 1.42 -23.07 -4.83
C ALA A 486 1.45 -23.67 -6.24
N VAL A 487 2.64 -23.89 -6.81
CA VAL A 487 2.83 -24.55 -8.14
C VAL A 487 2.45 -26.03 -8.07
N GLU A 488 2.90 -26.74 -7.01
CA GLU A 488 2.67 -28.21 -6.78
C GLU A 488 1.18 -28.50 -6.52
N ALA A 489 0.49 -27.66 -5.74
CA ALA A 489 -0.97 -27.70 -5.51
C ALA A 489 -1.75 -27.34 -6.79
N GLY A 490 -1.10 -26.88 -7.87
CA GLY A 490 -1.77 -26.49 -9.12
C GLY A 490 -2.56 -25.18 -9.02
N LEU A 491 -2.33 -24.37 -7.98
CA LEU A 491 -3.05 -23.09 -7.76
C LEU A 491 -2.55 -22.00 -8.71
N VAL A 492 -1.29 -22.08 -9.14
CA VAL A 492 -0.64 -21.10 -10.06
C VAL A 492 0.28 -21.86 -11.00
N GLU A 493 0.48 -21.32 -12.20
CA GLU A 493 1.40 -21.88 -13.20
C GLU A 493 2.39 -20.77 -13.61
N SER A 494 3.42 -21.13 -14.37
CA SER A 494 4.46 -20.19 -14.87
C SER A 494 3.80 -18.93 -15.46
N GLY A 495 4.36 -17.75 -15.22
CA GLY A 495 3.84 -16.45 -15.72
C GLY A 495 2.84 -15.80 -14.76
N ASP A 496 2.22 -16.55 -13.85
CA ASP A 496 1.23 -16.02 -12.86
C ASP A 496 1.99 -15.20 -11.80
N ASP A 497 1.36 -14.14 -11.29
CA ASP A 497 1.90 -13.27 -10.21
C ASP A 497 1.29 -13.67 -8.87
N ILE A 498 2.12 -13.77 -7.83
CA ILE A 498 1.66 -14.07 -6.44
C ILE A 498 2.18 -12.97 -5.51
N VAL A 499 1.51 -12.77 -4.38
CA VAL A 499 2.07 -11.99 -3.24
C VAL A 499 2.41 -12.96 -2.11
N ILE A 500 3.58 -12.78 -1.51
CA ILE A 500 4.08 -13.55 -0.34
C ILE A 500 4.15 -12.58 0.84
N VAL A 501 3.44 -12.89 1.93
CA VAL A 501 3.35 -12.04 3.17
C VAL A 501 3.81 -12.87 4.35
N ALA A 502 4.47 -12.30 5.34
CA ALA A 502 4.92 -13.05 6.53
C ALA A 502 5.39 -12.10 7.64
N GLY A 503 5.37 -12.59 8.88
CA GLY A 503 6.13 -12.01 10.00
C GLY A 503 7.50 -12.67 10.08
N VAL A 504 8.53 -11.99 9.59
CA VAL A 504 9.93 -12.48 9.53
C VAL A 504 10.67 -12.10 10.81
N PRO A 505 11.43 -13.04 11.40
CA PRO A 505 11.47 -14.43 10.93
C PRO A 505 10.21 -15.18 11.36
N VAL A 506 9.80 -16.18 10.59
CA VAL A 506 8.52 -16.91 10.86
C VAL A 506 8.59 -17.65 12.22
N GLY A 507 9.74 -18.20 12.61
CA GLY A 507 9.93 -18.89 13.89
C GLY A 507 9.69 -18.00 15.10
N GLU A 508 10.09 -16.73 15.04
CA GLU A 508 9.96 -15.77 16.16
C GLU A 508 8.50 -15.32 16.27
N ALA A 509 8.04 -14.97 17.47
CA ALA A 509 6.66 -14.51 17.70
C ALA A 509 6.54 -13.04 17.32
N VAL A 510 6.56 -12.72 16.04
CA VAL A 510 6.48 -11.32 15.57
C VAL A 510 5.35 -11.23 14.53
N ARG A 511 4.67 -10.09 14.46
CA ARG A 511 3.50 -9.92 13.56
C ARG A 511 4.00 -9.50 12.18
N THR A 512 3.11 -9.52 11.16
CA THR A 512 3.39 -9.39 9.70
C THR A 512 4.19 -8.11 9.41
N ASN A 513 5.29 -8.22 8.66
CA ASN A 513 6.22 -7.09 8.45
C ASN A 513 6.82 -7.09 7.04
N THR A 514 6.53 -8.08 6.21
CA THR A 514 7.28 -8.30 4.95
C THR A 514 6.32 -8.73 3.86
N MET A 515 6.54 -8.21 2.65
CA MET A 515 5.65 -8.42 1.48
C MET A 515 6.56 -8.53 0.26
N ARG A 516 6.32 -9.51 -0.61
CA ARG A 516 7.12 -9.71 -1.86
C ARG A 516 6.17 -10.04 -3.01
N ILE A 517 6.24 -9.31 -4.13
CA ILE A 517 5.47 -9.67 -5.36
C ILE A 517 6.38 -10.47 -6.30
N ARG A 518 5.99 -11.70 -6.63
CA ARG A 518 6.86 -12.66 -7.35
C ARG A 518 6.14 -13.16 -8.60
N THR A 519 6.77 -13.02 -9.77
CA THR A 519 6.31 -13.65 -11.04
C THR A 519 6.74 -15.12 -10.97
N VAL A 520 5.79 -16.04 -10.92
CA VAL A 520 6.07 -17.49 -10.79
C VAL A 520 6.89 -17.94 -12.01
N ARG A 521 8.10 -18.44 -11.77
CA ARG A 521 8.98 -19.02 -12.81
C ARG A 521 8.38 -20.38 -13.20
N MET B 21 17.54 17.41 11.50
CA MET B 21 16.75 17.33 10.23
C MET B 21 17.71 17.15 9.04
N ASN B 22 17.27 16.51 7.96
CA ASN B 22 18.10 16.30 6.75
C ASN B 22 17.52 17.12 5.59
N LYS B 23 18.29 18.03 5.02
CA LYS B 23 17.88 18.75 3.79
C LYS B 23 17.59 17.70 2.72
N ARG B 24 16.33 17.55 2.34
CA ARG B 24 15.92 16.55 1.33
C ARG B 24 16.16 17.15 -0.06
N VAL B 25 16.06 18.48 -0.21
CA VAL B 25 16.11 19.12 -1.57
C VAL B 25 17.60 19.30 -1.87
N LYS B 26 18.05 18.90 -3.06
CA LYS B 26 19.50 18.91 -3.40
C LYS B 26 19.88 20.33 -3.83
N ILE B 27 21.14 20.71 -3.64
CA ILE B 27 21.66 22.05 -4.03
C ILE B 27 22.78 21.86 -5.05
N VAL B 28 22.67 22.54 -6.18
CA VAL B 28 23.77 22.75 -7.17
C VAL B 28 24.35 24.14 -6.93
N ALA B 29 25.64 24.21 -6.60
CA ALA B 29 26.44 25.44 -6.42
C ALA B 29 27.43 25.57 -7.58
N THR B 30 27.36 26.70 -8.30
CA THR B 30 28.31 27.03 -9.41
C THR B 30 29.64 27.44 -8.77
N LEU B 31 30.73 26.81 -9.21
CA LEU B 31 32.04 27.12 -8.61
C LEU B 31 32.73 28.16 -9.49
N GLY B 32 33.65 28.91 -8.87
CA GLY B 32 34.34 30.05 -9.50
C GLY B 32 35.43 30.62 -8.60
N PRO B 33 36.04 31.74 -9.02
CA PRO B 33 37.02 32.46 -8.20
C PRO B 33 36.64 32.86 -6.76
N ALA B 34 35.37 33.13 -6.44
CA ALA B 34 34.92 33.65 -5.12
C ALA B 34 35.48 32.76 -4.00
N VAL B 35 35.73 31.50 -4.29
CA VAL B 35 36.26 30.51 -3.32
C VAL B 35 37.78 30.40 -3.47
N GLU B 36 38.31 30.68 -4.67
CA GLU B 36 39.73 30.41 -5.02
C GLU B 36 40.63 31.49 -4.42
N ILE B 37 41.67 31.05 -3.70
CA ILE B 37 42.71 31.93 -3.09
C ILE B 37 43.94 31.91 -3.99
N ARG B 38 44.57 33.07 -4.21
CA ARG B 38 45.81 33.21 -5.04
C ARG B 38 46.83 34.07 -4.28
N GLY B 39 47.98 33.48 -3.91
CA GLY B 39 49.04 34.08 -3.08
C GLY B 39 48.48 34.71 -1.82
N GLY B 40 47.59 34.00 -1.11
CA GLY B 40 46.87 34.51 0.08
C GLY B 40 45.84 35.59 -0.25
N LYS B 41 45.59 35.84 -1.55
CA LYS B 41 44.75 36.96 -2.05
C LYS B 41 43.38 36.45 -2.51
N LYS B 42 42.30 37.00 -1.95
CA LYS B 42 40.91 36.65 -2.32
C LYS B 42 40.45 37.51 -3.51
N PHE B 43 39.39 37.06 -4.19
CA PHE B 43 38.79 37.71 -5.39
C PHE B 43 38.36 39.15 -5.03
N GLY B 44 38.70 40.10 -5.89
CA GLY B 44 38.47 41.54 -5.63
C GLY B 44 39.76 42.30 -5.38
N GLU B 45 40.64 41.80 -4.50
CA GLU B 45 41.99 42.36 -4.21
C GLU B 45 42.78 42.42 -5.53
N ASP B 46 43.56 43.50 -5.76
CA ASP B 46 44.09 43.83 -7.12
C ASP B 46 45.29 42.93 -7.43
N GLY B 47 45.48 42.59 -8.71
CA GLY B 47 46.56 41.72 -9.21
C GLY B 47 46.46 40.31 -8.65
N TYR B 48 45.25 39.92 -8.25
CA TYR B 48 44.86 38.57 -7.76
C TYR B 48 45.16 37.57 -8.88
N TRP B 49 44.72 37.87 -10.10
CA TRP B 49 44.85 36.99 -11.29
C TRP B 49 46.34 36.69 -11.55
N GLY B 50 47.22 37.67 -11.26
CA GLY B 50 48.68 37.54 -11.31
C GLY B 50 49.20 36.34 -10.53
N GLU B 51 48.90 36.28 -9.22
CA GLU B 51 49.39 35.22 -8.31
C GLU B 51 48.83 33.86 -8.73
N LYS B 52 49.49 32.78 -8.32
CA LYS B 52 49.05 31.40 -8.67
C LYS B 52 48.08 30.89 -7.59
N LEU B 53 47.30 29.88 -7.94
CA LEU B 53 46.28 29.25 -7.07
C LEU B 53 46.96 28.58 -5.87
N ASP B 54 46.52 28.86 -4.65
CA ASP B 54 46.75 27.95 -3.49
C ASP B 54 45.66 26.87 -3.49
N VAL B 55 45.97 25.65 -3.97
CA VAL B 55 45.00 24.52 -4.03
C VAL B 55 44.48 24.22 -2.61
N GLU B 56 45.38 24.08 -1.63
CA GLU B 56 45.01 23.62 -0.26
C GLU B 56 44.00 24.60 0.35
N ALA B 57 44.24 25.91 0.22
CA ALA B 57 43.46 26.98 0.88
C ALA B 57 42.06 27.03 0.28
N SER B 58 41.93 26.93 -1.05
CA SER B 58 40.63 27.00 -1.78
C SER B 58 39.80 25.76 -1.45
N ALA B 59 40.42 24.57 -1.46
CA ALA B 59 39.80 23.27 -1.13
C ALA B 59 39.18 23.34 0.28
N LYS B 60 39.88 24.00 1.22
CA LYS B 60 39.41 24.27 2.61
C LYS B 60 38.15 25.13 2.55
N ASN B 61 38.15 26.13 1.65
CA ASN B 61 37.00 27.06 1.44
C ASN B 61 35.85 26.29 0.74
N ILE B 62 36.16 25.43 -0.24
CA ILE B 62 35.15 24.60 -0.97
C ILE B 62 34.54 23.61 0.03
N ALA B 63 35.35 23.07 0.94
CA ALA B 63 34.90 22.11 1.98
C ALA B 63 33.79 22.74 2.85
N LYS B 64 33.87 24.03 3.12
CA LYS B 64 32.87 24.75 3.96
C LYS B 64 31.54 24.83 3.20
N LEU B 65 31.54 24.89 1.86
CA LEU B 65 30.32 24.86 0.99
C LEU B 65 29.63 23.49 1.04
N ILE B 66 30.42 22.43 0.89
CA ILE B 66 29.96 21.01 1.02
C ILE B 66 29.28 20.87 2.38
N GLU B 67 29.92 21.31 3.46
CA GLU B 67 29.38 21.22 4.84
C GLU B 67 28.08 22.04 4.91
N ALA B 68 28.03 23.16 4.20
CA ALA B 68 26.87 24.08 4.17
C ALA B 68 25.68 23.45 3.45
N GLY B 69 25.87 22.30 2.79
CA GLY B 69 24.81 21.53 2.11
C GLY B 69 24.80 21.65 0.59
N ALA B 70 25.91 22.04 -0.06
CA ALA B 70 26.03 21.91 -1.52
C ALA B 70 26.15 20.41 -1.82
N ASN B 71 25.46 19.91 -2.85
CA ASN B 71 25.45 18.45 -3.16
C ASN B 71 26.14 18.16 -4.47
N THR B 72 26.35 19.18 -5.28
CA THR B 72 26.92 19.05 -6.64
C THR B 72 27.54 20.41 -6.99
N PHE B 73 28.66 20.39 -7.71
CA PHE B 73 29.33 21.63 -8.18
C PHE B 73 29.10 21.72 -9.70
N ARG B 74 28.84 22.93 -10.18
CA ARG B 74 28.62 23.21 -11.61
C ARG B 74 29.84 23.95 -12.14
N PHE B 75 30.46 23.40 -13.20
CA PHE B 75 31.59 23.99 -13.95
C PHE B 75 30.99 24.58 -15.24
N ASN B 76 30.76 25.90 -15.25
CA ASN B 76 30.11 26.61 -16.37
C ASN B 76 31.18 26.86 -17.43
N PHE B 77 31.10 26.17 -18.57
CA PHE B 77 32.16 26.18 -19.63
C PHE B 77 31.97 27.37 -20.58
N SER B 78 31.03 28.28 -20.28
CA SER B 78 30.92 29.60 -20.93
C SER B 78 32.15 30.45 -20.62
N HIS B 79 32.67 30.38 -19.39
CA HIS B 79 33.82 31.18 -18.88
C HIS B 79 34.87 30.24 -18.31
N GLY B 80 36.13 30.43 -18.69
CA GLY B 80 37.26 29.60 -18.24
C GLY B 80 37.68 28.60 -19.31
N ASP B 81 38.97 28.54 -19.60
CA ASP B 81 39.60 27.55 -20.51
C ASP B 81 39.72 26.21 -19.78
N HIS B 82 40.20 25.18 -20.48
CA HIS B 82 40.22 23.78 -19.99
C HIS B 82 41.16 23.69 -18.79
N GLN B 83 42.31 24.36 -18.87
CA GLN B 83 43.32 24.47 -17.77
C GLN B 83 42.60 24.89 -16.48
N GLU B 84 41.79 25.96 -16.58
CA GLU B 84 41.09 26.65 -15.45
C GLU B 84 40.05 25.71 -14.83
N GLN B 85 39.25 25.04 -15.68
CA GLN B 85 38.14 24.14 -15.27
C GLN B 85 38.69 22.88 -14.64
N GLY B 86 39.65 22.25 -15.33
CA GLY B 86 40.29 20.98 -14.91
C GLY B 86 41.00 21.12 -13.58
N GLU B 87 41.65 22.28 -13.35
CA GLU B 87 42.32 22.55 -12.05
C GLU B 87 41.23 22.66 -10.97
N ARG B 88 40.15 23.39 -11.25
CA ARG B 88 39.04 23.57 -10.27
C ARG B 88 38.52 22.19 -9.83
N MET B 89 38.33 21.27 -10.78
CA MET B 89 37.79 19.92 -10.50
C MET B 89 38.77 19.15 -9.62
N ALA B 90 40.07 19.35 -9.84
CA ALA B 90 41.13 18.73 -9.01
C ALA B 90 41.02 19.24 -7.57
N THR B 91 40.72 20.52 -7.37
CA THR B 91 40.58 21.18 -6.03
C THR B 91 39.38 20.59 -5.26
N VAL B 92 38.24 20.50 -5.93
CA VAL B 92 36.99 19.86 -5.40
C VAL B 92 37.30 18.43 -4.95
N LYS B 93 38.01 17.65 -5.77
CA LYS B 93 38.44 16.27 -5.39
C LYS B 93 39.10 16.31 -4.00
N LEU B 94 39.98 17.30 -3.74
CA LEU B 94 40.66 17.41 -2.43
C LEU B 94 39.69 17.97 -1.37
N ALA B 95 38.80 18.88 -1.78
CA ALA B 95 37.77 19.46 -0.87
C ALA B 95 36.88 18.33 -0.33
N GLU B 96 36.54 17.34 -1.14
CA GLU B 96 35.76 16.16 -0.70
C GLU B 96 36.51 15.44 0.43
N LYS B 97 37.83 15.31 0.29
CA LYS B 97 38.74 14.65 1.26
C LYS B 97 38.69 15.38 2.60
N ILE B 98 38.65 16.72 2.59
CA ILE B 98 38.69 17.55 3.83
C ILE B 98 37.37 17.37 4.58
N ALA B 99 36.24 17.52 3.88
CA ALA B 99 34.86 17.45 4.41
C ALA B 99 34.50 16.00 4.68
N GLY B 100 35.07 15.08 3.90
CA GLY B 100 34.84 13.63 4.02
C GLY B 100 33.46 13.26 3.54
N LYS B 101 32.83 14.12 2.74
CA LYS B 101 31.50 13.88 2.11
C LYS B 101 31.70 14.06 0.61
N LYS B 102 31.22 13.13 -0.21
CA LYS B 102 31.38 13.22 -1.68
C LYS B 102 30.29 14.14 -2.24
N VAL B 103 30.49 14.62 -3.47
CA VAL B 103 29.48 15.41 -4.22
C VAL B 103 29.58 15.06 -5.70
N GLY B 104 28.55 15.43 -6.45
CA GLY B 104 28.46 15.24 -7.90
C GLY B 104 29.17 16.35 -8.64
N PHE B 105 29.66 16.03 -9.84
CA PHE B 105 30.39 16.95 -10.74
C PHE B 105 29.52 17.22 -11.95
N LEU B 106 29.06 18.46 -12.14
CA LEU B 106 28.16 18.81 -13.27
C LEU B 106 28.90 19.77 -14.22
N LEU B 107 28.96 19.43 -15.51
CA LEU B 107 29.51 20.29 -16.58
C LEU B 107 28.38 21.01 -17.32
N ASP B 108 28.51 22.31 -17.55
CA ASP B 108 27.46 23.11 -18.23
C ASP B 108 28.06 23.60 -19.54
N THR B 109 27.44 23.29 -20.67
CA THR B 109 27.99 23.58 -22.02
C THR B 109 27.75 25.06 -22.34
N LYS B 110 28.61 25.68 -23.16
CA LYS B 110 28.42 27.08 -23.62
C LYS B 110 27.21 27.11 -24.54
N GLY B 111 27.20 26.22 -25.53
CA GLY B 111 26.11 26.07 -26.52
C GLY B 111 26.08 27.25 -27.49
N PRO B 112 24.99 27.43 -28.27
CA PRO B 112 24.89 28.50 -29.26
C PRO B 112 24.64 29.90 -28.66
N GLU B 113 25.55 30.34 -27.77
CA GLU B 113 25.62 31.71 -27.19
C GLU B 113 25.89 32.74 -28.32
N ILE B 114 25.24 33.89 -28.24
CA ILE B 114 25.62 35.12 -28.99
C ILE B 114 26.01 36.18 -27.96
N ARG B 115 27.17 36.81 -28.16
CA ARG B 115 27.68 37.87 -27.26
C ARG B 115 27.96 39.13 -28.09
N THR B 116 28.01 40.29 -27.45
CA THR B 116 28.44 41.54 -28.10
C THR B 116 29.96 41.47 -28.20
N GLU B 117 30.50 41.92 -29.33
CA GLU B 117 31.96 41.91 -29.60
C GLU B 117 32.61 42.96 -28.69
N LEU B 118 33.95 42.91 -28.61
CA LEU B 118 34.80 43.95 -27.97
C LEU B 118 34.61 45.29 -28.69
N PHE B 119 34.86 46.40 -27.98
CA PHE B 119 34.79 47.80 -28.50
C PHE B 119 36.18 48.29 -28.89
N GLU B 120 36.28 49.05 -30.00
CA GLU B 120 37.52 49.78 -30.42
C GLU B 120 37.88 50.81 -29.35
N GLY B 121 39.15 50.90 -28.98
CA GLY B 121 39.68 51.88 -28.02
C GLY B 121 39.41 51.48 -26.58
N GLU B 122 39.15 50.21 -26.32
CA GLU B 122 39.00 49.65 -24.94
C GLU B 122 37.86 50.37 -24.19
N ALA B 123 36.94 51.01 -24.92
CA ALA B 123 35.61 51.45 -24.42
C ALA B 123 34.89 50.22 -23.83
N LYS B 124 34.34 50.34 -22.63
CA LYS B 124 33.78 49.19 -21.87
C LYS B 124 32.26 49.08 -22.12
N GLU B 125 31.62 50.18 -22.51
CA GLU B 125 30.16 50.28 -22.69
C GLU B 125 29.79 51.62 -23.32
N TYR B 126 28.57 51.75 -23.83
CA TYR B 126 27.99 52.97 -24.41
C TYR B 126 26.52 53.07 -23.99
N SER B 127 26.05 54.31 -23.80
CA SER B 127 24.66 54.65 -23.38
C SER B 127 23.86 55.10 -24.61
N TYR B 128 22.63 54.60 -24.75
CA TYR B 128 21.70 54.96 -25.85
C TYR B 128 20.39 55.47 -25.24
N LYS B 129 19.53 56.08 -26.08
CA LYS B 129 18.20 56.63 -25.67
C LYS B 129 17.17 56.13 -26.69
N THR B 130 15.92 55.98 -26.25
CA THR B 130 14.78 55.53 -27.10
C THR B 130 14.72 56.41 -28.33
N GLY B 131 14.30 55.85 -29.47
CA GLY B 131 14.21 56.55 -30.76
C GLY B 131 15.52 56.55 -31.53
N GLU B 132 16.66 56.40 -30.85
CA GLU B 132 18.00 56.31 -31.50
C GLU B 132 17.96 55.27 -32.61
N LYS B 133 18.76 55.48 -33.65
CA LYS B 133 18.88 54.54 -34.78
C LYS B 133 20.34 54.09 -34.86
N ILE B 134 20.59 52.79 -34.90
CA ILE B 134 21.97 52.23 -35.05
C ILE B 134 21.88 50.96 -35.90
N ARG B 135 23.04 50.37 -36.21
CA ARG B 135 23.14 49.12 -37.02
C ARG B 135 23.80 48.02 -36.20
N VAL B 136 23.44 46.77 -36.52
CA VAL B 136 24.02 45.52 -35.93
C VAL B 136 24.72 44.79 -37.07
N ALA B 137 25.99 44.43 -36.89
CA ALA B 137 26.87 43.82 -37.90
C ALA B 137 26.81 42.29 -37.80
N THR B 138 26.53 41.61 -38.91
CA THR B 138 26.47 40.13 -38.99
C THR B 138 27.83 39.54 -39.36
N LYS B 139 28.79 40.35 -39.79
CA LYS B 139 30.17 39.90 -40.13
C LYS B 139 30.84 39.45 -38.83
N GLN B 140 31.66 38.41 -38.90
CA GLN B 140 32.33 37.84 -37.70
C GLN B 140 33.81 38.24 -37.74
N GLY B 141 34.45 38.35 -36.55
CA GLY B 141 35.87 38.71 -36.41
C GLY B 141 36.07 40.19 -36.07
N ILE B 142 35.14 41.05 -36.51
CA ILE B 142 35.25 42.54 -36.45
C ILE B 142 34.90 43.04 -35.04
N LYS B 143 35.35 44.24 -34.70
CA LYS B 143 35.16 44.86 -33.35
C LYS B 143 33.91 45.75 -33.37
N SER B 144 33.42 46.12 -32.19
CA SER B 144 32.23 46.99 -32.00
C SER B 144 32.65 48.47 -32.05
N THR B 145 31.79 49.30 -32.62
CA THR B 145 31.73 50.78 -32.41
C THR B 145 30.38 51.13 -31.76
N ARG B 146 30.23 52.34 -31.21
CA ARG B 146 28.93 52.91 -30.76
C ARG B 146 27.95 52.94 -31.95
N GLU B 147 28.43 53.26 -33.14
CA GLU B 147 27.61 53.46 -34.37
C GLU B 147 27.22 52.11 -34.98
N VAL B 148 28.07 51.08 -34.83
CA VAL B 148 27.78 49.71 -35.36
C VAL B 148 28.19 48.69 -34.30
N ILE B 149 27.28 47.75 -33.98
CA ILE B 149 27.49 46.68 -32.97
C ILE B 149 27.79 45.37 -33.72
N ALA B 150 28.93 44.76 -33.39
CA ALA B 150 29.43 43.47 -33.92
C ALA B 150 29.06 42.37 -32.93
N LEU B 151 28.42 41.32 -33.42
CA LEU B 151 28.00 40.13 -32.65
C LEU B 151 29.08 39.05 -32.75
N ASN B 152 29.41 38.45 -31.62
CA ASN B 152 30.22 37.20 -31.54
C ASN B 152 29.24 36.03 -31.53
N VAL B 153 28.98 35.42 -32.69
CA VAL B 153 28.09 34.23 -32.83
C VAL B 153 28.94 32.97 -32.67
N ALA B 154 28.53 32.03 -31.82
CA ALA B 154 29.29 30.78 -31.56
C ALA B 154 29.52 30.04 -32.89
N GLY B 155 30.77 29.63 -33.15
CA GLY B 155 31.19 28.86 -34.34
C GLY B 155 31.16 29.70 -35.61
N ALA B 156 31.16 31.03 -35.46
CA ALA B 156 31.23 32.08 -36.51
C ALA B 156 30.15 31.87 -37.56
N LEU B 157 28.89 31.74 -37.13
CA LEU B 157 27.72 31.61 -38.04
C LEU B 157 27.32 32.98 -38.61
N ASP B 158 26.87 33.00 -39.85
CA ASP B 158 26.24 34.19 -40.51
C ASP B 158 24.75 34.09 -40.24
N ILE B 159 24.19 35.02 -39.49
CA ILE B 159 22.77 34.95 -39.07
C ILE B 159 21.95 35.93 -39.90
N TYR B 160 22.53 36.59 -40.91
CA TYR B 160 21.85 37.66 -41.69
C TYR B 160 20.55 37.13 -42.30
N ASP B 161 20.56 35.90 -42.82
CA ASP B 161 19.42 35.31 -43.57
C ASP B 161 18.43 34.62 -42.61
N ASP B 162 18.71 34.58 -41.30
CA ASP B 162 17.93 33.79 -40.32
C ASP B 162 17.16 34.71 -39.36
N VAL B 163 17.34 36.03 -39.44
CA VAL B 163 16.55 37.02 -38.61
C VAL B 163 15.92 38.03 -39.55
N GLU B 164 14.61 38.25 -39.38
CA GLU B 164 13.74 38.98 -40.34
C GLU B 164 13.46 40.38 -39.81
N VAL B 165 12.98 41.27 -40.68
CA VAL B 165 12.51 42.64 -40.30
C VAL B 165 11.42 42.46 -39.23
N GLY B 166 11.37 43.35 -38.25
CA GLY B 166 10.35 43.34 -37.16
C GLY B 166 10.77 42.49 -35.97
N ARG B 167 11.84 41.70 -36.09
CA ARG B 167 12.40 40.90 -34.97
C ARG B 167 13.06 41.84 -33.97
N GLN B 168 13.51 41.29 -32.84
CA GLN B 168 13.94 42.06 -31.65
C GLN B 168 15.26 41.49 -31.15
N VAL B 169 16.30 42.31 -31.06
CA VAL B 169 17.66 41.92 -30.59
C VAL B 169 17.84 42.48 -29.18
N LEU B 170 18.05 41.62 -28.18
CA LEU B 170 18.07 42.03 -26.74
C LEU B 170 19.50 41.86 -26.21
N VAL B 171 19.91 42.76 -25.33
CA VAL B 171 21.30 42.82 -24.80
C VAL B 171 21.24 42.95 -23.28
N ASP B 172 22.22 42.38 -22.56
CA ASP B 172 22.32 42.36 -21.07
C ASP B 172 20.99 41.89 -20.46
N ASP B 173 20.69 40.61 -20.57
CA ASP B 173 19.57 39.96 -19.84
C ASP B 173 18.26 40.52 -20.37
N GLY B 174 18.21 40.85 -21.66
CA GLY B 174 17.00 41.40 -22.29
C GLY B 174 16.60 42.74 -21.69
N LYS B 175 17.50 43.43 -21.00
CA LYS B 175 17.19 44.73 -20.34
C LYS B 175 17.12 45.85 -21.38
N LEU B 176 17.87 45.74 -22.49
CA LEU B 176 17.84 46.73 -23.61
C LEU B 176 17.43 46.04 -24.92
N GLY B 177 16.38 46.56 -25.57
CA GLY B 177 15.87 46.04 -26.85
C GLY B 177 16.27 46.92 -28.02
N LEU B 178 16.55 46.29 -29.17
CA LEU B 178 16.74 46.92 -30.51
C LEU B 178 15.80 46.22 -31.50
N ARG B 179 14.82 46.95 -32.05
CA ARG B 179 13.87 46.47 -33.09
C ARG B 179 14.55 46.54 -34.48
N VAL B 180 14.59 45.44 -35.22
CA VAL B 180 15.11 45.42 -36.61
C VAL B 180 14.02 46.00 -37.51
N VAL B 181 14.28 47.17 -38.12
CA VAL B 181 13.30 47.91 -38.97
C VAL B 181 13.73 47.84 -40.45
N ALA B 182 14.96 47.39 -40.72
CA ALA B 182 15.51 47.27 -42.08
C ALA B 182 16.78 46.40 -42.07
N LYS B 183 16.98 45.69 -43.19
CA LYS B 183 18.20 44.90 -43.51
C LYS B 183 18.91 45.57 -44.69
N ASP B 184 20.24 45.67 -44.67
CA ASP B 184 21.05 46.21 -45.79
C ASP B 184 21.92 45.07 -46.36
N ASP B 185 21.47 44.52 -47.50
CA ASP B 185 22.10 43.39 -48.24
C ASP B 185 23.52 43.77 -48.69
N ALA B 186 23.75 45.05 -48.97
CA ALA B 186 25.07 45.64 -49.31
C ALA B 186 26.13 45.29 -48.24
N THR B 187 25.88 45.67 -46.99
CA THR B 187 26.86 45.46 -45.87
C THR B 187 26.48 44.22 -45.04
N ARG B 188 25.37 43.55 -45.34
CA ARG B 188 24.84 42.44 -44.50
C ARG B 188 24.73 42.93 -43.05
N GLU B 189 23.95 43.99 -42.81
CA GLU B 189 23.71 44.59 -41.47
C GLU B 189 22.22 44.71 -41.19
N PHE B 190 21.85 44.88 -39.92
CA PHE B 190 20.48 45.19 -39.48
C PHE B 190 20.42 46.67 -39.05
N GLU B 191 19.47 47.42 -39.58
CA GLU B 191 19.14 48.79 -39.11
C GLU B 191 18.17 48.63 -37.93
N VAL B 192 18.52 49.15 -36.76
CA VAL B 192 17.73 48.94 -35.52
C VAL B 192 17.38 50.29 -34.87
N GLU B 193 16.28 50.30 -34.12
CA GLU B 193 15.79 51.43 -33.28
C GLU B 193 15.87 51.03 -31.81
N VAL B 194 16.43 51.90 -30.96
CA VAL B 194 16.53 51.67 -29.49
C VAL B 194 15.14 51.83 -28.85
N GLU B 195 14.66 50.78 -28.18
CA GLU B 195 13.26 50.64 -27.69
C GLU B 195 13.09 51.33 -26.34
N ASN B 196 14.18 51.40 -25.56
CA ASN B 196 14.24 51.92 -24.18
C ASN B 196 15.65 52.48 -23.94
N ASP B 197 15.84 53.43 -23.03
CA ASP B 197 17.17 53.87 -22.58
C ASP B 197 17.93 52.66 -22.02
N GLY B 198 19.19 52.45 -22.42
CA GLY B 198 20.04 51.45 -21.78
C GLY B 198 21.47 51.43 -22.29
N ILE B 199 22.29 50.59 -21.67
CA ILE B 199 23.75 50.45 -21.88
C ILE B 199 23.99 49.23 -22.79
N ILE B 200 24.91 49.32 -23.75
CA ILE B 200 25.41 48.12 -24.49
C ILE B 200 26.87 47.90 -24.07
N ALA B 201 27.13 47.04 -23.09
CA ALA B 201 28.51 46.72 -22.66
C ALA B 201 29.06 45.60 -23.56
N LYS B 202 30.38 45.44 -23.59
CA LYS B 202 31.05 44.37 -24.36
C LYS B 202 30.88 43.05 -23.61
N GLN B 203 30.90 41.93 -24.35
CA GLN B 203 30.89 40.54 -23.81
C GLN B 203 29.55 40.25 -23.11
N LYS B 204 28.49 40.97 -23.47
CA LYS B 204 27.14 40.79 -22.88
C LYS B 204 26.32 39.86 -23.75
N GLY B 205 25.40 39.12 -23.14
CA GLY B 205 24.50 38.18 -23.83
C GLY B 205 23.61 38.87 -24.85
N VAL B 206 23.38 38.19 -25.98
CA VAL B 206 22.45 38.64 -27.05
C VAL B 206 21.38 37.55 -27.23
N ASN B 207 20.11 37.96 -27.30
CA ASN B 207 18.97 37.04 -27.56
C ASN B 207 18.15 37.61 -28.71
N ILE B 208 17.71 36.73 -29.62
CA ILE B 208 16.80 37.08 -30.75
C ILE B 208 15.64 36.09 -30.71
N PRO B 209 14.52 36.42 -30.02
CA PRO B 209 13.40 35.50 -29.87
C PRO B 209 12.63 35.22 -31.18
N ASN B 210 11.92 34.09 -31.20
CA ASN B 210 10.99 33.68 -32.28
C ASN B 210 11.80 33.53 -33.57
N THR B 211 13.06 33.12 -33.46
CA THR B 211 13.94 32.83 -34.62
C THR B 211 14.45 31.40 -34.52
N LYS B 212 14.78 30.80 -35.66
CA LYS B 212 15.41 29.46 -35.75
C LYS B 212 16.74 29.62 -36.51
N ILE B 213 17.74 30.22 -35.86
CA ILE B 213 19.12 30.28 -36.42
C ILE B 213 19.63 28.85 -36.50
N PRO B 214 20.09 28.39 -37.69
CA PRO B 214 20.46 26.99 -37.88
C PRO B 214 21.81 26.62 -37.22
N PHE B 215 21.88 26.74 -35.89
CA PHE B 215 23.01 26.23 -35.07
C PHE B 215 23.01 24.72 -35.14
N PRO B 216 24.18 24.07 -35.14
CA PRO B 216 24.22 22.62 -35.27
C PRO B 216 23.66 21.95 -34.01
N ALA B 217 23.16 20.73 -34.14
CA ALA B 217 22.76 19.87 -33.00
C ALA B 217 23.94 19.78 -32.04
N LEU B 218 25.15 19.63 -32.58
CA LEU B 218 26.40 19.67 -31.80
C LEU B 218 27.44 20.48 -32.57
N ALA B 219 27.88 21.61 -32.00
CA ALA B 219 28.96 22.50 -32.48
C ALA B 219 30.31 21.98 -31.99
N GLU B 220 31.40 22.26 -32.72
CA GLU B 220 32.70 21.57 -32.51
C GLU B 220 33.24 21.96 -31.14
N ARG B 221 32.97 23.19 -30.69
CA ARG B 221 33.45 23.68 -29.36
C ARG B 221 32.83 22.82 -28.25
N ASP B 222 31.53 22.54 -28.33
CA ASP B 222 30.79 21.80 -27.26
C ASP B 222 31.21 20.33 -27.24
N ASN B 223 31.48 19.75 -28.42
CA ASN B 223 32.07 18.38 -28.54
C ASN B 223 33.37 18.35 -27.73
N ASP B 224 34.27 19.33 -27.94
CA ASP B 224 35.60 19.42 -27.26
C ASP B 224 35.42 19.60 -25.75
N ASP B 225 34.54 20.54 -25.35
CA ASP B 225 34.27 20.87 -23.93
C ASP B 225 33.87 19.60 -23.17
N ILE B 226 32.95 18.83 -23.76
CA ILE B 226 32.36 17.60 -23.15
C ILE B 226 33.43 16.53 -23.08
N ARG B 227 34.16 16.35 -24.18
CA ARG B 227 35.21 15.30 -24.26
C ARG B 227 36.28 15.59 -23.21
N PHE B 228 36.65 16.87 -23.06
CA PHE B 228 37.64 17.31 -22.03
C PHE B 228 37.05 16.99 -20.66
N GLY B 229 35.77 17.33 -20.46
CA GLY B 229 35.08 17.13 -19.18
C GLY B 229 34.99 15.66 -18.82
N LEU B 230 34.57 14.85 -19.79
CA LEU B 230 34.42 13.39 -19.60
C LEU B 230 35.76 12.77 -19.19
N GLU B 231 36.86 13.25 -19.77
CA GLU B 231 38.25 12.78 -19.48
C GLU B 231 38.60 13.08 -18.02
N GLN B 232 38.26 14.27 -17.52
CA GLN B 232 38.54 14.68 -16.11
C GLN B 232 37.72 13.79 -15.16
N GLY B 233 36.48 13.45 -15.54
CA GLY B 233 35.54 12.67 -14.72
C GLY B 233 34.40 13.53 -14.18
N ILE B 234 33.22 13.40 -14.79
CA ILE B 234 31.98 14.17 -14.46
C ILE B 234 30.82 13.18 -14.26
N ASN B 235 29.81 13.56 -13.49
CA ASN B 235 28.62 12.73 -13.21
C ASN B 235 27.45 13.22 -14.06
N PHE B 236 27.45 14.48 -14.47
CA PHE B 236 26.31 15.13 -15.18
C PHE B 236 26.81 16.07 -16.28
N ILE B 237 25.95 16.29 -17.27
CA ILE B 237 26.13 17.34 -18.31
C ILE B 237 24.81 18.11 -18.44
N ALA B 238 24.83 19.43 -18.35
CA ALA B 238 23.67 20.28 -18.68
C ALA B 238 23.84 20.83 -20.09
N ILE B 239 23.01 20.39 -21.03
CA ILE B 239 23.12 20.80 -22.46
C ILE B 239 22.33 22.09 -22.66
N SER B 240 23.03 23.16 -23.01
CA SER B 240 22.40 24.50 -23.16
C SER B 240 21.59 24.56 -24.45
N PHE B 241 20.49 25.29 -24.41
CA PHE B 241 19.62 25.64 -25.56
C PHE B 241 19.19 24.37 -26.29
N VAL B 242 18.71 23.36 -25.54
CA VAL B 242 18.12 22.13 -26.15
C VAL B 242 16.79 22.52 -26.82
N ARG B 243 16.70 22.22 -28.12
CA ARG B 243 15.53 22.53 -28.99
C ARG B 243 14.76 21.24 -29.25
N THR B 244 15.45 20.09 -29.26
CA THR B 244 14.87 18.81 -29.73
C THR B 244 15.63 17.64 -29.08
N ALA B 245 15.04 16.45 -29.13
CA ALA B 245 15.61 15.16 -28.70
C ALA B 245 16.95 14.93 -29.39
N LYS B 246 17.04 15.33 -30.66
CA LYS B 246 18.25 15.18 -31.52
C LYS B 246 19.45 15.81 -30.82
N ASP B 247 19.28 17.02 -30.25
CA ASP B 247 20.35 17.79 -29.56
C ASP B 247 20.85 16.98 -28.36
N VAL B 248 19.95 16.29 -27.66
CA VAL B 248 20.30 15.50 -26.43
C VAL B 248 21.03 14.22 -26.88
N ASN B 249 20.53 13.56 -27.93
CA ASN B 249 21.07 12.25 -28.40
C ASN B 249 22.49 12.44 -28.97
N GLU B 250 22.80 13.61 -29.56
CA GLU B 250 24.15 13.85 -30.14
C GLU B 250 25.17 13.83 -28.99
N VAL B 251 24.81 14.32 -27.81
CA VAL B 251 25.68 14.27 -26.60
C VAL B 251 25.70 12.84 -26.05
N ARG B 252 24.55 12.16 -26.06
CA ARG B 252 24.40 10.76 -25.58
C ARG B 252 25.39 9.87 -26.34
N ALA B 253 25.50 10.06 -27.66
CA ALA B 253 26.39 9.30 -28.56
C ALA B 253 27.82 9.37 -28.02
N ILE B 254 28.28 10.57 -27.64
CA ILE B 254 29.67 10.78 -27.17
C ILE B 254 29.86 10.00 -25.87
N CYS B 255 28.91 10.09 -24.95
CA CYS B 255 29.01 9.43 -23.61
C CYS B 255 29.19 7.93 -23.83
N GLU B 256 28.45 7.34 -24.76
CA GLU B 256 28.48 5.88 -25.06
C GLU B 256 29.78 5.53 -25.81
N GLU B 257 30.25 6.40 -26.74
CA GLU B 257 31.54 6.26 -27.49
C GLU B 257 32.72 6.17 -26.52
N THR B 258 32.75 7.01 -25.49
CA THR B 258 33.92 7.21 -24.60
C THR B 258 33.88 6.21 -23.44
N GLY B 259 32.85 5.36 -23.37
CA GLY B 259 32.58 4.49 -22.20
C GLY B 259 32.18 5.28 -20.96
N ASN B 260 31.31 6.28 -21.15
CA ASN B 260 30.74 7.12 -20.07
C ASN B 260 29.20 7.10 -20.20
N GLY B 261 28.57 5.93 -20.16
CA GLY B 261 27.12 5.76 -20.33
C GLY B 261 26.37 6.08 -19.04
N HIS B 262 27.07 6.06 -17.90
CA HIS B 262 26.61 6.43 -16.54
C HIS B 262 26.36 7.94 -16.41
N VAL B 263 26.92 8.74 -17.32
CA VAL B 263 26.78 10.22 -17.24
C VAL B 263 25.32 10.56 -17.51
N GLN B 264 24.71 11.34 -16.63
CA GLN B 264 23.29 11.70 -16.75
C GLN B 264 23.19 13.08 -17.40
N LEU B 265 22.32 13.20 -18.39
CA LEU B 265 22.20 14.41 -19.25
C LEU B 265 20.97 15.20 -18.85
N PHE B 266 21.14 16.46 -18.46
CA PHE B 266 20.02 17.40 -18.21
C PHE B 266 19.86 18.31 -19.42
N ALA B 267 18.70 18.28 -20.06
CA ALA B 267 18.34 19.27 -21.10
C ALA B 267 18.03 20.58 -20.39
N LYS B 268 18.69 21.67 -20.74
CA LYS B 268 18.35 23.01 -20.25
C LYS B 268 17.29 23.58 -21.18
N ILE B 269 16.08 23.83 -20.68
CA ILE B 269 14.99 24.42 -21.50
C ILE B 269 15.17 25.93 -21.38
N GLU B 270 15.68 26.54 -22.46
CA GLU B 270 16.13 27.96 -22.48
C GLU B 270 15.35 28.74 -23.53
N ASN B 271 14.35 28.15 -24.20
CA ASN B 271 13.73 28.74 -25.40
C ASN B 271 12.43 28.03 -25.79
N GLN B 272 11.69 28.64 -26.72
CA GLN B 272 10.32 28.26 -27.16
C GLN B 272 10.33 26.87 -27.80
N GLN B 273 11.33 26.59 -28.63
CA GLN B 273 11.50 25.27 -29.32
C GLN B 273 11.61 24.17 -28.27
N GLY B 274 12.36 24.43 -27.19
CA GLY B 274 12.48 23.55 -26.02
C GLY B 274 11.13 23.27 -25.37
N ILE B 275 10.32 24.29 -25.16
CA ILE B 275 8.99 24.13 -24.52
C ILE B 275 8.08 23.35 -25.49
N ASP B 276 8.08 23.68 -26.77
CA ASP B 276 7.20 23.00 -27.76
C ASP B 276 7.55 21.50 -27.79
N ASN B 277 8.84 21.14 -27.71
CA ASN B 277 9.32 19.73 -27.83
C ASN B 277 9.65 19.14 -26.45
N LEU B 278 9.11 19.70 -25.38
CA LEU B 278 9.46 19.31 -23.98
C LEU B 278 9.27 17.81 -23.80
N ASP B 279 8.16 17.28 -24.34
CA ASP B 279 7.75 15.86 -24.15
C ASP B 279 8.85 14.94 -24.69
N GLU B 280 9.29 15.15 -25.93
CA GLU B 280 10.32 14.29 -26.59
C GLU B 280 11.69 14.52 -25.95
N ILE B 281 11.93 15.71 -25.39
CA ILE B 281 13.23 16.06 -24.72
C ILE B 281 13.30 15.34 -23.37
N ILE B 282 12.18 15.26 -22.63
CA ILE B 282 12.13 14.61 -21.29
C ILE B 282 12.38 13.11 -21.44
N GLU B 283 11.82 12.51 -22.51
CA GLU B 283 12.02 11.09 -22.89
C GLU B 283 13.51 10.84 -23.15
N ALA B 284 14.19 11.77 -23.84
CA ALA B 284 15.57 11.61 -24.32
C ALA B 284 16.55 11.76 -23.17
N ALA B 285 16.25 12.64 -22.21
CA ALA B 285 17.19 13.12 -21.16
C ALA B 285 17.02 12.33 -19.87
N ASP B 286 17.91 12.52 -18.90
CA ASP B 286 17.86 11.89 -17.54
C ASP B 286 17.29 12.88 -16.53
N GLY B 287 16.96 14.09 -17.01
CA GLY B 287 16.37 15.17 -16.20
C GLY B 287 16.30 16.47 -16.96
N ILE B 288 15.83 17.52 -16.30
CA ILE B 288 15.70 18.88 -16.90
C ILE B 288 16.32 19.89 -15.94
N MET B 289 16.91 20.95 -16.47
CA MET B 289 17.29 22.18 -15.71
C MET B 289 16.39 23.31 -16.21
N ILE B 290 15.61 23.92 -15.32
CA ILE B 290 14.79 25.11 -15.69
C ILE B 290 15.73 26.29 -15.65
N ALA B 291 16.11 26.74 -16.83
CA ALA B 291 17.10 27.80 -17.07
C ALA B 291 16.36 29.13 -17.20
N ARG B 292 16.06 29.78 -16.06
CA ARG B 292 15.01 30.85 -15.98
C ARG B 292 15.53 32.12 -16.65
N GLY B 293 16.84 32.33 -16.60
CA GLY B 293 17.52 33.48 -17.21
C GLY B 293 17.16 33.57 -18.67
N ASP B 294 17.71 32.65 -19.46
CA ASP B 294 17.55 32.66 -20.93
C ASP B 294 16.05 32.57 -21.28
N MET B 295 15.32 31.73 -20.55
CA MET B 295 13.88 31.45 -20.76
C MET B 295 13.04 32.73 -20.61
N GLY B 296 13.42 33.59 -19.65
CA GLY B 296 12.69 34.84 -19.31
C GLY B 296 12.75 35.86 -20.42
N ILE B 297 13.87 35.87 -21.14
CA ILE B 297 14.10 36.75 -22.32
C ILE B 297 13.34 36.15 -23.51
N GLU B 298 13.39 34.83 -23.69
CA GLU B 298 12.87 34.15 -24.89
C GLU B 298 11.35 34.06 -24.88
N VAL B 299 10.70 34.02 -23.70
CA VAL B 299 9.21 33.94 -23.54
C VAL B 299 8.72 35.10 -22.68
N PRO B 300 7.40 35.45 -22.72
CA PRO B 300 6.85 36.48 -21.85
C PRO B 300 7.34 36.33 -20.40
N PHE B 301 7.73 37.42 -19.74
CA PHE B 301 8.44 37.38 -18.44
C PHE B 301 7.49 36.85 -17.36
N GLU B 302 6.22 37.24 -17.46
CA GLU B 302 5.13 36.95 -16.49
C GLU B 302 4.65 35.48 -16.64
N MET B 303 5.24 34.74 -17.56
CA MET B 303 4.84 33.34 -17.89
C MET B 303 5.90 32.34 -17.45
N VAL B 304 7.01 32.81 -16.84
CA VAL B 304 8.11 31.92 -16.40
C VAL B 304 7.62 31.06 -15.24
N PRO B 305 6.85 31.61 -14.26
CA PRO B 305 6.31 30.81 -13.17
C PRO B 305 5.33 29.71 -13.64
N VAL B 306 4.61 29.92 -14.74
CA VAL B 306 3.69 28.93 -15.35
C VAL B 306 4.52 27.76 -15.88
N TYR B 307 5.58 28.03 -16.64
CA TYR B 307 6.45 26.99 -17.26
C TYR B 307 7.23 26.27 -16.17
N GLN B 308 7.64 26.99 -15.12
CA GLN B 308 8.41 26.36 -14.01
C GLN B 308 7.54 25.24 -13.37
N LYS B 309 6.25 25.52 -13.11
CA LYS B 309 5.36 24.56 -12.43
C LYS B 309 5.07 23.38 -13.36
N MET B 310 4.62 23.67 -14.58
CA MET B 310 4.33 22.63 -15.60
C MET B 310 5.55 21.72 -15.76
N ILE B 311 6.75 22.27 -15.93
CA ILE B 311 7.96 21.47 -16.28
C ILE B 311 8.31 20.51 -15.14
N ILE B 312 8.29 21.00 -13.90
CA ILE B 312 8.61 20.20 -12.69
C ILE B 312 7.65 19.01 -12.63
N LYS B 313 6.36 19.23 -12.86
CA LYS B 313 5.27 18.22 -12.76
C LYS B 313 5.52 17.05 -13.73
N LYS B 314 5.84 17.36 -14.99
CA LYS B 314 6.04 16.38 -16.09
C LYS B 314 7.33 15.59 -15.88
N VAL B 315 8.39 16.25 -15.45
CA VAL B 315 9.71 15.60 -15.20
C VAL B 315 9.53 14.60 -14.06
N ASN B 316 8.82 15.01 -13.00
CA ASN B 316 8.51 14.13 -11.84
C ASN B 316 7.74 12.90 -12.34
N ALA B 317 6.74 13.10 -13.21
CA ALA B 317 5.89 12.01 -13.74
C ALA B 317 6.75 11.05 -14.57
N ALA B 318 7.86 11.52 -15.15
CA ALA B 318 8.79 10.67 -15.93
C ALA B 318 9.80 10.01 -14.98
N GLY B 319 9.78 10.36 -13.70
CA GLY B 319 10.65 9.74 -12.68
C GLY B 319 12.04 10.32 -12.72
N LYS B 320 12.21 11.44 -13.40
CA LYS B 320 13.51 12.06 -13.71
C LYS B 320 13.72 13.21 -12.71
N VAL B 321 14.85 13.92 -12.82
CA VAL B 321 15.35 14.95 -11.88
C VAL B 321 15.13 16.34 -12.49
N VAL B 322 14.62 17.28 -11.71
CA VAL B 322 14.46 18.68 -12.18
C VAL B 322 15.32 19.57 -11.29
N ILE B 323 16.01 20.53 -11.90
CA ILE B 323 16.75 21.63 -11.22
C ILE B 323 16.09 22.95 -11.61
N THR B 324 15.57 23.64 -10.60
CA THR B 324 15.18 25.06 -10.68
C THR B 324 16.43 25.91 -10.46
N ALA B 325 16.75 26.81 -11.41
CA ALA B 325 18.02 27.55 -11.34
C ALA B 325 17.92 28.97 -11.89
N THR B 326 18.94 29.77 -11.58
CA THR B 326 19.18 31.16 -12.06
C THR B 326 18.46 32.23 -11.28
N ASN B 327 19.23 33.14 -10.68
CA ASN B 327 18.73 34.32 -9.94
C ASN B 327 17.82 33.89 -8.80
N MET B 328 18.13 32.77 -8.16
CA MET B 328 17.39 32.22 -6.99
C MET B 328 17.60 33.14 -5.78
N LEU B 329 18.82 33.61 -5.59
CA LEU B 329 19.19 34.58 -4.52
C LEU B 329 20.12 35.65 -5.12
N GLU B 330 19.69 36.32 -6.20
CA GLU B 330 20.54 37.21 -7.02
C GLU B 330 21.30 38.21 -6.14
N THR B 331 20.57 38.97 -5.31
CA THR B 331 21.08 40.11 -4.49
C THR B 331 22.24 39.66 -3.58
N MET B 332 22.36 38.38 -3.21
CA MET B 332 23.41 37.91 -2.26
C MET B 332 24.80 37.84 -2.92
N THR B 333 24.88 38.12 -4.22
CA THR B 333 26.14 38.43 -4.94
C THR B 333 26.80 39.66 -4.31
N GLU B 334 26.01 40.68 -3.95
CA GLU B 334 26.46 41.99 -3.41
C GLU B 334 26.22 42.11 -1.90
N LYS B 335 25.12 41.58 -1.37
CA LYS B 335 24.64 41.88 0.01
C LYS B 335 24.56 40.61 0.83
N PRO B 336 24.77 40.66 2.16
CA PRO B 336 24.75 39.46 3.00
C PRO B 336 23.40 38.78 3.20
N ARG B 337 22.30 39.52 3.13
CA ARG B 337 20.92 38.97 3.30
C ARG B 337 20.13 39.20 2.00
N ALA B 338 19.33 38.20 1.59
CA ALA B 338 18.54 38.19 0.34
C ALA B 338 17.30 39.07 0.52
N THR B 339 16.57 39.31 -0.56
CA THR B 339 15.26 40.01 -0.54
C THR B 339 14.17 39.01 -0.15
N ARG B 340 13.03 39.49 0.37
CA ARG B 340 11.85 38.67 0.78
C ARG B 340 11.30 37.92 -0.44
N SER B 341 11.45 38.52 -1.63
CA SER B 341 10.97 37.95 -2.92
C SER B 341 11.86 36.79 -3.36
N GLU B 342 13.17 36.88 -3.15
CA GLU B 342 14.14 35.77 -3.42
C GLU B 342 13.85 34.61 -2.47
N VAL B 343 13.68 34.88 -1.19
CA VAL B 343 13.35 33.84 -0.19
C VAL B 343 12.04 33.15 -0.60
N SER B 344 11.00 33.90 -0.96
CA SER B 344 9.71 33.34 -1.42
C SER B 344 9.95 32.42 -2.65
N ASP B 345 10.73 32.88 -3.62
CA ASP B 345 11.04 32.18 -4.90
C ASP B 345 11.69 30.83 -4.62
N VAL B 346 12.72 30.79 -3.78
CA VAL B 346 13.42 29.53 -3.42
C VAL B 346 12.45 28.64 -2.64
N PHE B 347 11.65 29.24 -1.76
CA PHE B 347 10.61 28.53 -0.96
C PHE B 347 9.61 27.79 -1.87
N ASN B 348 9.10 28.42 -2.93
CA ASN B 348 8.00 27.82 -3.73
C ASN B 348 8.59 26.87 -4.76
N ALA B 349 9.90 26.92 -5.01
CA ALA B 349 10.53 25.94 -5.91
C ALA B 349 10.44 24.57 -5.23
N VAL B 350 10.62 24.54 -3.91
CA VAL B 350 10.52 23.28 -3.12
C VAL B 350 9.05 22.81 -3.11
N ILE B 351 8.12 23.74 -2.91
CA ILE B 351 6.65 23.45 -2.80
C ILE B 351 6.12 23.03 -4.20
N ASP B 352 6.72 23.43 -5.32
CA ASP B 352 6.30 22.88 -6.65
C ASP B 352 6.85 21.46 -6.78
N GLY B 353 7.85 21.12 -5.97
CA GLY B 353 8.45 19.78 -5.92
C GLY B 353 9.66 19.67 -6.85
N THR B 354 10.51 20.69 -6.89
CA THR B 354 11.85 20.61 -7.53
C THR B 354 12.74 19.61 -6.76
N ASP B 355 13.52 18.80 -7.49
CA ASP B 355 14.51 17.89 -6.87
C ASP B 355 15.61 18.77 -6.30
N ALA B 356 16.02 19.80 -7.03
CA ALA B 356 17.22 20.59 -6.73
C ALA B 356 17.01 22.07 -7.07
N THR B 357 17.76 22.91 -6.35
CA THR B 357 17.86 24.39 -6.51
C THR B 357 19.33 24.73 -6.84
N MET B 358 19.58 25.84 -7.53
CA MET B 358 20.94 26.17 -8.04
C MET B 358 21.34 27.62 -7.79
N LEU B 359 22.53 27.81 -7.26
CA LEU B 359 23.16 29.14 -7.09
C LEU B 359 24.16 29.25 -8.24
N SER B 360 24.18 30.36 -8.96
CA SER B 360 25.11 30.53 -10.10
C SER B 360 26.18 31.53 -9.71
N GLY B 361 25.88 32.81 -9.86
CA GLY B 361 26.82 33.88 -9.49
C GLY B 361 27.06 33.95 -8.00
N GLU B 362 26.00 33.72 -7.24
CA GLU B 362 26.03 33.89 -5.77
C GLU B 362 27.26 33.16 -5.20
N SER B 363 27.59 31.98 -5.72
CA SER B 363 28.66 31.08 -5.20
C SER B 363 29.94 31.13 -6.06
N ALA B 364 29.81 31.53 -7.34
CA ALA B 364 30.93 31.56 -8.32
C ALA B 364 31.75 32.86 -8.17
N ASN B 365 31.10 34.03 -8.03
CA ASN B 365 31.85 35.32 -8.04
C ASN B 365 31.21 36.42 -7.17
N GLY B 366 30.29 36.12 -6.26
CA GLY B 366 29.76 37.10 -5.31
C GLY B 366 30.70 37.22 -4.11
N LYS B 367 30.36 38.05 -3.14
CA LYS B 367 31.16 38.36 -1.93
C LYS B 367 30.70 37.46 -0.78
N TYR B 368 29.67 36.63 -1.00
CA TYR B 368 29.01 35.84 0.07
C TYR B 368 28.71 34.44 -0.44
N PRO B 369 29.76 33.65 -0.71
CA PRO B 369 29.59 32.35 -1.32
C PRO B 369 28.98 31.39 -0.27
N LEU B 370 29.54 31.33 0.94
CA LEU B 370 29.18 30.36 1.99
C LEU B 370 27.79 30.69 2.58
N GLU B 371 27.51 31.98 2.79
CA GLU B 371 26.19 32.47 3.28
C GLU B 371 25.13 32.19 2.22
N SER B 372 25.42 32.30 0.92
CA SER B 372 24.38 32.01 -0.10
C SER B 372 23.96 30.54 0.00
N VAL B 373 24.91 29.62 0.20
CA VAL B 373 24.62 28.17 0.33
C VAL B 373 23.79 27.98 1.61
N THR B 374 24.27 28.52 2.72
CA THR B 374 23.61 28.43 4.05
C THR B 374 22.21 29.04 3.96
N THR B 375 22.04 30.20 3.35
CA THR B 375 20.71 30.81 3.11
C THR B 375 19.83 29.81 2.35
N MET B 376 20.36 29.23 1.27
CA MET B 376 19.54 28.39 0.35
C MET B 376 19.10 27.12 1.08
N ALA B 377 20.02 26.44 1.75
CA ALA B 377 19.69 25.24 2.53
C ALA B 377 18.64 25.55 3.60
N THR B 378 18.83 26.59 4.41
CA THR B 378 17.91 26.88 5.54
C THR B 378 16.49 27.04 4.97
N ILE B 379 16.33 27.73 3.83
CA ILE B 379 15.03 27.95 3.16
C ILE B 379 14.50 26.59 2.72
N ASP B 380 15.39 25.74 2.18
CA ASP B 380 15.07 24.42 1.60
C ASP B 380 14.46 23.55 2.71
N LYS B 381 15.06 23.54 3.91
CA LYS B 381 14.59 22.75 5.08
C LYS B 381 13.25 23.30 5.57
N ASN B 382 13.07 24.62 5.56
CA ASN B 382 11.82 25.22 6.07
C ASN B 382 10.68 24.85 5.13
N ALA B 383 10.89 24.91 3.82
CA ALA B 383 9.87 24.56 2.83
C ALA B 383 9.48 23.08 2.99
N GLN B 384 10.43 22.20 3.31
CA GLN B 384 10.18 20.74 3.32
C GLN B 384 9.33 20.35 4.55
N ALA B 385 9.33 21.17 5.60
CA ALA B 385 8.36 21.08 6.73
C ALA B 385 6.94 21.30 6.22
N LEU B 386 6.74 22.07 5.15
CA LEU B 386 5.40 22.40 4.61
C LEU B 386 5.02 21.53 3.41
N LEU B 387 5.92 20.66 2.95
CA LEU B 387 5.66 19.80 1.77
C LEU B 387 4.45 18.89 1.99
N ASN B 388 4.30 18.34 3.19
CA ASN B 388 3.21 17.39 3.53
C ASN B 388 1.88 18.09 3.32
N GLU B 389 1.66 19.26 3.92
CA GLU B 389 0.34 19.96 3.87
C GLU B 389 0.18 20.70 2.53
N TYR B 390 1.23 21.27 1.94
CA TYR B 390 1.11 22.25 0.83
C TYR B 390 1.75 21.76 -0.48
N GLY B 391 2.55 20.70 -0.44
CA GLY B 391 3.31 20.20 -1.62
C GLY B 391 2.41 20.05 -2.84
N ARG B 392 2.79 20.65 -3.96
CA ARG B 392 2.04 20.58 -5.24
C ARG B 392 2.15 19.19 -5.89
N LEU B 393 3.20 18.41 -5.61
CA LEU B 393 3.39 17.04 -6.18
C LEU B 393 2.43 16.04 -5.52
N ASP B 394 1.83 15.19 -6.35
CA ASP B 394 0.82 14.14 -6.03
C ASP B 394 1.28 12.81 -6.59
N SER B 395 1.52 11.83 -5.73
CA SER B 395 1.91 10.43 -6.09
C SER B 395 0.67 9.62 -6.52
N ASP B 396 -0.53 10.07 -6.15
CA ASP B 396 -1.82 9.35 -6.37
C ASP B 396 -2.18 9.36 -7.87
N SER B 397 -1.81 10.43 -8.58
CA SER B 397 -2.06 10.63 -10.04
C SER B 397 -1.32 9.58 -10.88
N PHE B 398 -0.25 8.96 -10.38
CA PHE B 398 0.57 7.97 -11.13
C PHE B 398 -0.25 6.70 -11.41
N GLU B 399 0.06 6.02 -12.52
CA GLU B 399 -0.43 4.66 -12.85
C GLU B 399 -0.10 3.70 -11.71
N ARG B 400 -0.95 2.72 -11.45
CA ARG B 400 -0.72 1.65 -10.45
C ARG B 400 -1.29 0.36 -11.03
N ASN B 401 -0.54 -0.28 -11.93
CA ASN B 401 -0.94 -1.57 -12.58
C ASN B 401 0.33 -2.37 -12.90
N SER B 402 1.42 -2.07 -12.20
CA SER B 402 2.77 -2.64 -12.40
C SER B 402 3.36 -2.90 -11.01
N LYS B 403 4.32 -3.82 -10.92
CA LYS B 403 4.90 -4.35 -9.65
C LYS B 403 5.67 -3.23 -8.94
N THR B 404 6.47 -2.47 -9.68
CA THR B 404 7.28 -1.33 -9.15
C THR B 404 6.35 -0.25 -8.60
N GLU B 405 5.29 0.08 -9.34
CA GLU B 405 4.32 1.15 -8.96
C GLU B 405 3.61 0.75 -7.66
N VAL B 406 3.09 -0.48 -7.54
CA VAL B 406 2.33 -0.88 -6.31
C VAL B 406 3.33 -0.92 -5.14
N MET B 407 4.58 -1.31 -5.40
CA MET B 407 5.63 -1.44 -4.35
C MET B 407 6.05 -0.05 -3.85
N ALA B 408 6.24 0.92 -4.75
CA ALA B 408 6.52 2.32 -4.35
C ALA B 408 5.32 2.90 -3.58
N SER B 409 4.11 2.72 -4.12
CA SER B 409 2.88 3.25 -3.50
C SER B 409 2.78 2.73 -2.08
N ALA B 410 3.16 1.47 -1.84
CA ALA B 410 3.05 0.80 -0.52
C ALA B 410 4.04 1.44 0.46
N VAL B 411 5.24 1.75 -0.05
CA VAL B 411 6.31 2.47 0.74
C VAL B 411 5.77 3.86 1.10
N LYS B 412 5.29 4.64 0.13
CA LYS B 412 4.75 6.00 0.40
C LYS B 412 3.62 5.91 1.43
N ASP B 413 2.68 4.95 1.29
CA ASP B 413 1.51 4.83 2.23
C ASP B 413 2.00 4.47 3.63
N ALA B 414 3.04 3.64 3.74
CA ALA B 414 3.77 3.32 5.00
C ALA B 414 4.16 4.63 5.71
N THR B 415 4.88 5.51 5.01
CA THR B 415 5.42 6.79 5.56
C THR B 415 4.27 7.75 5.89
N SER B 416 3.19 7.70 5.09
CA SER B 416 1.92 8.43 5.34
C SER B 416 1.28 7.95 6.65
N SER B 417 1.17 6.64 6.83
CA SER B 417 0.35 6.04 7.91
C SER B 417 1.09 5.94 9.25
N MET B 418 2.42 5.84 9.25
CA MET B 418 3.26 5.70 10.49
C MET B 418 4.35 6.77 10.53
N ASP B 419 4.99 6.94 11.70
CA ASP B 419 6.26 7.69 11.86
C ASP B 419 7.40 6.81 11.33
N ILE B 420 7.68 6.88 10.03
CA ILE B 420 8.85 6.21 9.38
C ILE B 420 10.02 7.19 9.34
N LYS B 421 11.08 6.95 10.12
CA LYS B 421 12.32 7.79 10.16
C LYS B 421 13.07 7.70 8.82
N LEU B 422 13.20 6.49 8.27
CA LEU B 422 14.09 6.30 7.10
C LEU B 422 13.54 5.21 6.17
N VAL B 423 13.63 5.43 4.86
CA VAL B 423 13.45 4.37 3.82
C VAL B 423 14.85 3.92 3.38
N VAL B 424 15.17 2.63 3.47
CA VAL B 424 16.55 2.14 3.14
C VAL B 424 16.47 1.20 1.95
N THR B 425 17.23 1.52 0.91
CA THR B 425 17.31 0.77 -0.36
C THR B 425 18.69 0.13 -0.44
N LEU B 426 18.78 -1.11 -0.94
CA LEU B 426 20.06 -1.63 -1.50
C LEU B 426 19.90 -1.71 -3.01
N THR B 427 20.71 -0.97 -3.77
CA THR B 427 20.47 -0.80 -5.22
C THR B 427 21.80 -0.91 -5.98
N LYS B 428 21.86 -1.84 -6.94
CA LYS B 428 23.00 -2.02 -7.88
C LYS B 428 23.04 -0.88 -8.90
N THR B 429 21.93 -0.58 -9.58
CA THR B 429 21.89 0.51 -10.59
C THR B 429 21.36 1.81 -9.98
N GLY B 430 20.78 1.75 -8.78
CA GLY B 430 20.16 2.93 -8.15
C GLY B 430 18.71 3.13 -8.57
N HIS B 431 18.16 2.17 -9.33
CA HIS B 431 16.79 2.21 -9.91
C HIS B 431 15.75 2.36 -8.80
N THR B 432 15.86 1.56 -7.75
CA THR B 432 14.91 1.55 -6.61
C THR B 432 14.93 2.92 -5.96
N ALA B 433 16.10 3.50 -5.77
CA ALA B 433 16.24 4.82 -5.12
C ALA B 433 15.50 5.91 -5.92
N ARG B 434 15.60 5.92 -7.26
CA ARG B 434 14.92 6.91 -8.16
C ARG B 434 13.40 6.71 -8.12
N LEU B 435 12.97 5.44 -8.05
CA LEU B 435 11.55 5.00 -7.92
C LEU B 435 10.96 5.59 -6.64
N ILE B 436 11.55 5.34 -5.47
CA ILE B 436 11.02 5.84 -4.17
C ILE B 436 11.10 7.37 -4.13
N SER B 437 12.20 7.95 -4.67
CA SER B 437 12.45 9.40 -4.80
C SER B 437 11.26 10.07 -5.48
N LYS B 438 10.83 9.48 -6.58
CA LYS B 438 9.74 9.95 -7.46
C LYS B 438 8.46 10.06 -6.63
N TYR B 439 8.26 9.18 -5.64
CA TYR B 439 7.00 9.14 -4.86
C TYR B 439 7.09 10.09 -3.66
N ARG B 440 8.24 10.72 -3.42
CA ARG B 440 8.37 11.84 -2.45
C ARG B 440 7.87 11.38 -1.08
N PRO B 441 8.44 10.29 -0.53
CA PRO B 441 8.04 9.79 0.78
C PRO B 441 8.21 10.89 1.82
N ASN B 442 7.36 10.87 2.85
CA ASN B 442 7.53 11.71 4.06
C ASN B 442 8.61 11.04 4.94
N ALA B 443 9.80 10.81 4.37
CA ALA B 443 10.99 10.26 5.05
C ALA B 443 12.26 10.51 4.22
N ASP B 444 13.40 10.54 4.89
CA ASP B 444 14.76 10.51 4.31
C ASP B 444 14.97 9.14 3.67
N ILE B 445 15.69 9.05 2.54
CA ILE B 445 15.97 7.79 1.80
C ILE B 445 17.46 7.44 1.87
N LEU B 446 17.88 6.40 2.57
CA LEU B 446 19.28 5.91 2.43
C LEU B 446 19.36 5.08 1.14
N ALA B 447 20.16 5.48 0.15
CA ALA B 447 20.40 4.64 -1.07
C ALA B 447 21.75 3.91 -0.95
N LEU B 448 21.77 2.65 -0.53
CA LEU B 448 23.04 1.89 -0.39
C LEU B 448 23.42 1.31 -1.74
N THR B 449 24.67 1.44 -2.13
CA THR B 449 25.13 1.03 -3.49
C THR B 449 26.53 0.42 -3.41
N PHE B 450 27.01 -0.07 -4.55
CA PHE B 450 28.22 -0.94 -4.62
C PHE B 450 29.25 -0.32 -5.57
N ASP B 451 29.00 0.84 -6.17
CA ASP B 451 30.03 1.52 -6.98
C ASP B 451 29.81 3.04 -6.91
N GLU B 452 30.92 3.76 -7.03
CA GLU B 452 31.01 5.21 -6.74
C GLU B 452 30.25 5.99 -7.81
N LEU B 453 30.32 5.55 -9.07
CA LEU B 453 29.58 6.19 -10.19
C LEU B 453 28.08 6.23 -9.85
N THR B 454 27.53 5.10 -9.40
CA THR B 454 26.10 5.01 -9.03
C THR B 454 25.82 5.92 -7.82
N GLU B 455 26.71 5.91 -6.82
CA GLU B 455 26.66 6.73 -5.58
C GLU B 455 26.57 8.22 -5.96
N ARG B 456 27.53 8.69 -6.76
CA ARG B 456 27.63 10.12 -7.17
C ARG B 456 26.52 10.49 -8.17
N GLY B 457 25.94 9.53 -8.88
CA GLY B 457 24.88 9.79 -9.87
C GLY B 457 23.53 10.01 -9.21
N LEU B 458 23.40 9.66 -7.92
CA LEU B 458 22.14 9.73 -7.16
C LEU B 458 22.06 11.02 -6.34
N MET B 459 23.07 11.88 -6.48
CA MET B 459 23.32 13.03 -5.58
C MET B 459 22.27 14.13 -5.82
N LEU B 460 21.64 14.17 -7.00
CA LEU B 460 20.68 15.24 -7.36
C LEU B 460 19.23 14.73 -7.22
N ASN B 461 19.03 13.45 -6.93
CA ASN B 461 17.68 12.90 -6.65
C ASN B 461 17.19 13.35 -5.24
N TRP B 462 15.99 13.93 -5.19
CA TRP B 462 15.28 14.46 -3.99
C TRP B 462 15.32 13.41 -2.89
N GLY B 463 15.75 13.82 -1.69
CA GLY B 463 15.63 13.06 -0.44
C GLY B 463 16.61 11.91 -0.33
N VAL B 464 17.43 11.66 -1.35
CA VAL B 464 18.28 10.44 -1.43
C VAL B 464 19.65 10.73 -0.83
N ILE B 465 20.06 9.98 0.18
CA ILE B 465 21.38 10.07 0.87
C ILE B 465 22.27 8.91 0.42
N PRO B 466 23.14 9.07 -0.61
CA PRO B 466 23.88 7.95 -1.17
C PRO B 466 25.03 7.50 -0.25
N MET B 467 25.19 6.19 -0.12
CA MET B 467 26.22 5.60 0.75
C MET B 467 26.73 4.33 0.07
N LEU B 468 28.06 4.20 -0.01
CA LEU B 468 28.72 2.99 -0.53
C LEU B 468 28.75 1.90 0.56
N THR B 469 28.49 0.65 0.16
CA THR B 469 28.59 -0.54 1.04
C THR B 469 28.93 -1.78 0.21
N ASP B 470 29.09 -2.92 0.90
CA ASP B 470 29.35 -4.27 0.34
C ASP B 470 28.03 -4.90 -0.10
N ALA B 471 28.03 -5.60 -1.25
CA ALA B 471 26.86 -6.36 -1.77
C ALA B 471 26.41 -7.39 -0.74
N PRO B 472 25.09 -7.67 -0.65
CA PRO B 472 24.58 -8.70 0.27
C PRO B 472 24.64 -10.12 -0.32
N SER B 473 24.94 -11.12 0.52
CA SER B 473 24.95 -12.57 0.15
C SER B 473 23.51 -13.09 -0.04
N SER B 474 22.57 -12.58 0.76
CA SER B 474 21.17 -13.09 0.87
C SER B 474 20.22 -11.95 1.22
N THR B 475 18.91 -12.22 1.15
CA THR B 475 17.82 -11.27 1.53
C THR B 475 17.91 -10.93 3.02
N ASP B 476 18.26 -11.88 3.88
CA ASP B 476 18.31 -11.64 5.35
C ASP B 476 19.52 -10.77 5.66
N ASP B 477 20.58 -10.96 4.89
CA ASP B 477 21.85 -10.20 5.01
C ASP B 477 21.59 -8.76 4.61
N MET B 478 20.89 -8.60 3.50
CA MET B 478 20.36 -7.31 2.99
C MET B 478 19.63 -6.52 4.10
N PHE B 479 18.71 -7.15 4.82
CA PHE B 479 17.96 -6.52 5.95
C PHE B 479 18.90 -6.18 7.11
N GLU B 480 19.95 -6.98 7.32
CA GLU B 480 20.95 -6.75 8.40
C GLU B 480 21.77 -5.49 8.07
N ILE B 481 22.35 -5.49 6.87
CA ILE B 481 23.21 -4.40 6.31
C ILE B 481 22.43 -3.08 6.32
N ALA B 482 21.21 -3.06 5.80
CA ALA B 482 20.38 -1.84 5.73
C ALA B 482 20.24 -1.22 7.13
N GLU B 483 19.84 -2.01 8.15
CA GLU B 483 19.66 -1.51 9.54
C GLU B 483 21.01 -1.06 10.10
N ARG B 484 22.06 -1.85 9.87
CA ARG B 484 23.42 -1.64 10.46
C ARG B 484 23.97 -0.29 9.96
N LYS B 485 23.88 -0.01 8.65
CA LYS B 485 24.39 1.25 8.05
C LYS B 485 23.63 2.44 8.62
N ALA B 486 22.29 2.43 8.56
CA ALA B 486 21.47 3.59 8.98
C ALA B 486 21.75 3.90 10.46
N VAL B 487 22.00 2.87 11.28
CA VAL B 487 22.31 3.03 12.75
C VAL B 487 23.71 3.63 12.91
N GLU B 488 24.69 3.14 12.12
CA GLU B 488 26.13 3.57 12.18
C GLU B 488 26.30 5.02 11.69
N ALA B 489 25.58 5.41 10.64
CA ALA B 489 25.49 6.82 10.15
C ALA B 489 24.74 7.72 11.15
N GLY B 490 24.14 7.19 12.22
CA GLY B 490 23.39 7.97 13.22
C GLY B 490 22.03 8.45 12.73
N LEU B 491 21.53 7.97 11.58
CA LEU B 491 20.21 8.39 11.02
C LEU B 491 19.04 7.81 11.83
N VAL B 492 19.21 6.66 12.48
CA VAL B 492 18.15 5.97 13.29
C VAL B 492 18.80 5.35 14.52
N GLU B 493 18.05 5.27 15.62
CA GLU B 493 18.45 4.57 16.87
C GLU B 493 17.29 3.67 17.30
N SER B 494 17.43 2.94 18.41
CA SER B 494 16.46 1.93 18.88
C SER B 494 15.08 2.56 18.99
N GLY B 495 14.04 1.78 18.63
CA GLY B 495 12.63 2.21 18.66
C GLY B 495 12.20 2.88 17.37
N ASP B 496 13.12 3.34 16.52
CA ASP B 496 12.80 4.02 15.24
C ASP B 496 12.35 2.96 14.21
N ASP B 497 11.37 3.30 13.38
CA ASP B 497 10.84 2.41 12.31
C ASP B 497 11.48 2.77 10.95
N ILE B 498 11.92 1.77 10.22
CA ILE B 498 12.52 1.96 8.88
C ILE B 498 11.76 1.06 7.89
N VAL B 499 11.72 1.45 6.62
CA VAL B 499 11.21 0.59 5.52
C VAL B 499 12.40 0.22 4.64
N ILE B 500 12.51 -1.06 4.32
CA ILE B 500 13.62 -1.64 3.51
C ILE B 500 13.00 -2.16 2.21
N VAL B 501 13.41 -1.62 1.08
CA VAL B 501 12.79 -1.84 -0.27
C VAL B 501 13.90 -2.30 -1.19
N ALA B 502 13.65 -3.25 -2.08
CA ALA B 502 14.70 -3.73 -3.00
C ALA B 502 14.12 -4.58 -4.14
N GLY B 503 14.87 -4.69 -5.23
CA GLY B 503 14.70 -5.74 -6.25
C GLY B 503 15.56 -6.94 -5.88
N VAL B 504 14.94 -7.96 -5.27
CA VAL B 504 15.61 -9.17 -4.74
C VAL B 504 15.62 -10.24 -5.83
N PRO B 505 16.76 -10.92 -6.04
CA PRO B 505 18.01 -10.59 -5.34
C PRO B 505 18.65 -9.32 -5.93
N VAL B 506 19.35 -8.55 -5.09
CA VAL B 506 19.91 -7.23 -5.50
C VAL B 506 20.97 -7.40 -6.60
N GLY B 507 21.76 -8.49 -6.57
CA GLY B 507 22.79 -8.78 -7.58
C GLY B 507 22.22 -8.89 -8.98
N GLU B 508 21.05 -9.53 -9.14
CA GLU B 508 20.41 -9.71 -10.47
C GLU B 508 19.74 -8.40 -10.88
N ALA B 509 19.61 -8.18 -12.19
CA ALA B 509 18.97 -6.96 -12.74
C ALA B 509 17.45 -7.15 -12.73
N VAL B 510 16.82 -7.06 -11.56
CA VAL B 510 15.33 -7.13 -11.42
C VAL B 510 14.87 -5.83 -10.78
N ARG B 511 13.70 -5.32 -11.17
CA ARG B 511 13.16 -4.07 -10.58
C ARG B 511 12.46 -4.44 -9.25
N THR B 512 12.15 -3.41 -8.45
CA THR B 512 11.69 -3.46 -7.03
C THR B 512 10.54 -4.45 -6.85
N ASN B 513 10.63 -5.36 -5.88
CA ASN B 513 9.62 -6.43 -5.68
C ASN B 513 9.35 -6.73 -4.20
N THR B 514 10.05 -6.10 -3.28
CA THR B 514 10.06 -6.54 -1.85
C THR B 514 10.07 -5.32 -0.96
N MET B 515 9.37 -5.41 0.16
CA MET B 515 9.24 -4.32 1.15
C MET B 515 9.23 -4.98 2.53
N ARG B 516 9.94 -4.41 3.51
CA ARG B 516 9.99 -4.94 4.91
C ARG B 516 9.95 -3.77 5.88
N ILE B 517 9.04 -3.75 6.86
CA ILE B 517 9.00 -2.69 7.91
C ILE B 517 9.69 -3.24 9.16
N ARG B 518 10.73 -2.56 9.64
CA ARG B 518 11.57 -3.06 10.77
C ARG B 518 11.66 -2.00 11.88
N THR B 519 11.33 -2.37 13.12
CA THR B 519 11.62 -1.58 14.35
C THR B 519 13.10 -1.75 14.68
N VAL B 520 13.89 -0.69 14.59
CA VAL B 520 15.36 -0.72 14.86
C VAL B 520 15.61 -1.25 16.29
N ARG B 521 16.31 -2.36 16.41
CA ARG B 521 16.70 -2.92 17.74
C ARG B 521 17.88 -2.12 18.25
MG MG C . -30.51 -22.27 18.77
C1 PEP D . -30.25 -21.35 15.77
O1 PEP D . -30.48 -20.81 14.66
O2' PEP D . -30.92 -21.16 16.80
C2 PEP D . -29.16 -22.23 15.93
C3 PEP D . -28.02 -22.44 15.12
O2 PEP D . -29.27 -23.02 17.07
P PEP D . -29.90 -24.49 17.10
O1P PEP D . -28.86 -25.47 17.58
O2P PEP D . -30.34 -24.89 15.71
O3P PEP D . -31.06 -24.43 18.05
S SO4 E . 2.41 -15.68 12.28
O1 SO4 E . 3.39 -16.03 11.28
O2 SO4 E . 1.98 -14.31 12.10
O3 SO4 E . 1.28 -16.54 12.18
O4 SO4 E . 2.97 -15.81 13.61
S SO4 F . 6.77 -30.10 1.81
O1 SO4 F . 7.16 -29.29 0.68
O2 SO4 F . 7.81 -30.07 2.82
O3 SO4 F . 5.54 -29.62 2.35
O4 SO4 F . 6.60 -31.45 1.37
S SO4 G . 10.50 -11.02 -9.60
O1 SO4 G . 11.84 -11.46 -9.89
O2 SO4 G . 10.41 -9.60 -9.88
O3 SO4 G . 10.19 -11.29 -8.20
O4 SO4 G . 9.58 -11.72 -10.46
MG MG H . 21.34 30.16 -20.47
C1 PEP I . 20.01 30.17 -17.57
O1 PEP I . 19.76 30.73 -18.65
O2' PEP I . 19.40 30.36 -16.51
C2 PEP I . 21.04 29.20 -17.57
C3 PEP I . 21.22 28.15 -16.66
O2 PEP I . 21.97 29.34 -18.57
P PEP I . 23.32 30.21 -18.39
O1P PEP I . 23.28 31.28 -19.46
O2P PEP I . 23.35 30.81 -16.99
O3P PEP I . 24.51 29.32 -18.58
S SO4 J . 10.07 -6.47 13.33
O1 SO4 J . 10.54 -6.10 12.04
O2 SO4 J . 10.43 -5.44 14.28
O3 SO4 J . 8.64 -6.64 13.31
O4 SO4 J . 10.68 -7.70 13.73
S SO4 K . 18.17 -1.92 -8.63
O1 SO4 K . 17.38 -0.97 -7.97
O2 SO4 K . 19.37 -1.34 -9.07
O3 SO4 K . 17.45 -2.42 -9.71
O4 SO4 K . 18.46 -2.97 -7.77
S SO4 L . 30.47 -1.81 5.04
O1 SO4 L . 31.91 -1.72 4.96
O2 SO4 L . 29.89 -0.88 4.11
O3 SO4 L . 30.02 -1.51 6.37
O4 SO4 L . 30.08 -3.16 4.68
#